data_8T6D
#
_entry.id   8T6D
#
_cell.length_a   47.020
_cell.length_b   214.218
_cell.length_c   56.044
_cell.angle_alpha   90.000
_cell.angle_beta   97.170
_cell.angle_gamma   90.000
#
_symmetry.space_group_name_H-M   'P 1 21 1'
#
loop_
_entity.id
_entity.type
_entity.pdbx_description
1 polymer 'Tyrosine-protein phosphatase non-receptor type 11'
2 non-polymer 'SULFATE ION'
3 non-polymer "(3R)-1'-[3-(3,4-dihydro-1,5-naphthyridin-1(2H)-yl)-1H-pyrazolo[3,4-b]pyrazin-6-yl]-3H-spiro[[1]benzofuran-2,4'-piperidin]-3-amine"
4 water water
#
_entity_poly.entity_id   1
_entity_poly.type   'polypeptide(L)'
_entity_poly.pdbx_seq_one_letter_code
;SMTSRRWFHPNITGVEAENLLLTRGVDGSFLARPSKSNPGDFTLSVRRNGAVTHIKIQNTGDYYDLYGGEKFATLAELVQ
YYMEHHGQLKEKNGDVIELKYPLNCADPTSERWFHGHLSGKEAEKLLTEKGKHGSFLVRESQSHPGDFVLSVRTGDDKGE
SNDGKSKVTHVMIRCQELKYDVGGGERFDSLTDLVEHYKKNPMVETLGTVLQLKQPLNTTRINAAEIESRVRELSKLAET
TDKVKQGFWEEFETLQQQECKLLYSRKEGQRQENKNKNRYKNILPFDHTRVVLHDGDPNEPVSDYINANIIMPEFETKCN
NSKPKKSYIATQGCLQNTVNDFWRMVFQENSRVIVMTTKEVERGKSKCVKYWPDEYALKEYGVMRVRNVKESAAHDYTLR
ELKLSKVGQGNTERTVWQYHFRTWPDHGVPSDPGGVLDFLEEVHHKQESIMDAGPVVVHCSAGIGRTGTFIVIDILIDII
REKGVDCDIDVPKTIQMVRSQRSGMVQTEAQYRFIYMAVQHYIETL
;
_entity_poly.pdbx_strand_id   A,B
#
# COMPACT_ATOMS: atom_id res chain seq x y z
N THR A 3 -9.62 -35.38 -28.28
CA THR A 3 -9.04 -34.33 -27.45
C THR A 3 -8.65 -34.89 -26.08
N SER A 4 -7.35 -35.04 -25.84
CA SER A 4 -6.85 -35.67 -24.63
C SER A 4 -5.80 -34.77 -23.96
N ARG A 5 -5.67 -34.94 -22.65
CA ARG A 5 -4.60 -34.32 -21.88
C ARG A 5 -3.99 -35.32 -20.90
N ARG A 6 -4.21 -36.62 -21.13
CA ARG A 6 -3.70 -37.66 -20.25
C ARG A 6 -2.18 -37.75 -20.24
N TRP A 7 -1.50 -37.10 -21.18
CA TRP A 7 -0.05 -37.15 -21.23
C TRP A 7 0.61 -36.32 -20.14
N PHE A 8 -0.16 -35.59 -19.34
CA PHE A 8 0.37 -34.77 -18.26
C PHE A 8 0.29 -35.56 -16.95
N HIS A 9 1.43 -35.74 -16.30
CA HIS A 9 1.50 -36.48 -15.05
C HIS A 9 1.73 -35.51 -13.90
N PRO A 10 0.71 -35.26 -13.07
CA PRO A 10 0.84 -34.21 -12.03
C PRO A 10 1.59 -34.63 -10.78
N ASN A 11 1.80 -35.93 -10.56
CA ASN A 11 2.37 -36.42 -9.30
C ASN A 11 3.69 -37.17 -9.50
N ILE A 12 4.34 -36.99 -10.65
CA ILE A 12 5.51 -37.78 -11.00
C ILE A 12 6.77 -36.96 -10.79
N THR A 13 7.84 -37.65 -10.39
CA THR A 13 9.17 -37.06 -10.30
C THR A 13 9.95 -37.31 -11.58
N GLY A 14 11.07 -36.61 -11.72
CA GLY A 14 11.91 -36.81 -12.90
C GLY A 14 12.37 -38.25 -13.03
N VAL A 15 12.76 -38.87 -11.92
CA VAL A 15 13.22 -40.26 -11.96
C VAL A 15 12.06 -41.20 -12.29
N GLU A 16 10.88 -40.94 -11.73
CA GLU A 16 9.72 -41.76 -12.05
C GLU A 16 9.32 -41.62 -13.51
N ALA A 17 9.58 -40.45 -14.11
CA ALA A 17 9.26 -40.26 -15.52
C ALA A 17 10.20 -41.07 -16.41
N GLU A 18 11.49 -41.09 -16.08
CA GLU A 18 12.44 -41.87 -16.86
C GLU A 18 12.08 -43.35 -16.83
N ASN A 19 11.67 -43.86 -15.67
CA ASN A 19 11.28 -45.26 -15.57
C ASN A 19 10.03 -45.54 -16.39
N LEU A 20 9.03 -44.66 -16.31
CA LEU A 20 7.80 -44.86 -17.07
C LEU A 20 8.08 -44.89 -18.56
N LEU A 21 8.95 -44.00 -19.05
CA LEU A 21 9.22 -43.93 -20.47
C LEU A 21 10.06 -45.10 -20.96
N LEU A 22 10.92 -45.65 -20.10
CA LEU A 22 11.82 -46.71 -20.52
C LEU A 22 11.18 -48.10 -20.46
N THR A 23 10.23 -48.30 -19.54
CA THR A 23 9.61 -49.61 -19.37
C THR A 23 8.25 -49.70 -20.06
N ARG A 24 7.43 -48.66 -19.99
CA ARG A 24 6.08 -48.68 -20.54
C ARG A 24 5.93 -47.85 -21.80
N GLY A 25 7.03 -47.34 -22.35
CA GLY A 25 6.98 -46.54 -23.56
C GLY A 25 8.00 -47.04 -24.58
N VAL A 26 8.01 -46.35 -25.73
CA VAL A 26 8.92 -46.64 -26.82
C VAL A 26 9.50 -45.32 -27.32
N ASP A 27 10.37 -45.41 -28.32
CA ASP A 27 10.95 -44.21 -28.92
C ASP A 27 9.85 -43.37 -29.55
N GLY A 28 9.82 -42.09 -29.21
CA GLY A 28 8.76 -41.20 -29.61
C GLY A 28 7.76 -40.90 -28.51
N SER A 29 7.69 -41.75 -27.48
CA SER A 29 6.79 -41.50 -26.36
C SER A 29 7.22 -40.24 -25.62
N PHE A 30 6.24 -39.56 -25.02
CA PHE A 30 6.50 -38.31 -24.33
C PHE A 30 5.45 -38.12 -23.24
N LEU A 31 5.77 -37.23 -22.30
CA LEU A 31 4.85 -36.87 -21.23
C LEU A 31 5.27 -35.53 -20.65
N ALA A 32 4.35 -34.90 -19.93
CA ALA A 32 4.60 -33.62 -19.28
C ALA A 32 4.30 -33.75 -17.80
N ARG A 33 5.03 -32.97 -17.00
CA ARG A 33 4.92 -33.05 -15.55
C ARG A 33 5.33 -31.71 -14.95
N PRO A 34 4.94 -31.44 -13.72
CA PRO A 34 5.45 -30.25 -13.04
C PRO A 34 6.92 -30.41 -12.68
N SER A 35 7.66 -29.31 -12.76
CA SER A 35 9.07 -29.32 -12.41
C SER A 35 9.23 -29.38 -10.90
N LYS A 36 9.95 -30.38 -10.41
CA LYS A 36 10.14 -30.56 -8.97
C LYS A 36 11.32 -29.74 -8.45
N SER A 37 12.38 -29.62 -9.24
CA SER A 37 13.53 -28.83 -8.81
C SER A 37 13.28 -27.33 -8.92
N ASN A 38 12.29 -26.91 -9.70
CA ASN A 38 11.96 -25.51 -9.87
C ASN A 38 10.44 -25.37 -9.92
N PRO A 39 9.79 -25.33 -8.75
CA PRO A 39 8.32 -25.20 -8.72
C PRO A 39 7.84 -24.04 -9.57
N GLY A 40 6.59 -24.12 -10.03
CA GLY A 40 6.05 -23.15 -10.97
C GLY A 40 6.42 -23.39 -12.41
N ASP A 41 7.45 -24.19 -12.68
CA ASP A 41 7.84 -24.55 -14.03
C ASP A 41 7.35 -25.95 -14.36
N PHE A 42 7.58 -26.37 -15.60
CA PHE A 42 7.14 -27.68 -16.07
C PHE A 42 8.27 -28.32 -16.86
N THR A 43 8.11 -29.62 -17.14
CA THR A 43 9.13 -30.38 -17.85
C THR A 43 8.47 -31.24 -18.92
N LEU A 44 9.15 -31.40 -20.05
CA LEU A 44 8.70 -32.25 -21.14
C LEU A 44 9.70 -33.39 -21.30
N SER A 45 9.29 -34.59 -20.86
CA SER A 45 10.15 -35.77 -20.92
C SER A 45 9.88 -36.53 -22.20
N VAL A 46 10.87 -36.60 -23.09
CA VAL A 46 10.75 -37.29 -24.36
C VAL A 46 11.81 -38.38 -24.43
N ARG A 47 11.46 -39.48 -25.09
CA ARG A 47 12.35 -40.63 -25.23
C ARG A 47 12.92 -40.66 -26.64
N ARG A 48 14.24 -40.85 -26.74
CA ARG A 48 14.92 -40.88 -28.02
C ARG A 48 16.09 -41.86 -27.95
N ASN A 49 16.20 -42.70 -28.97
CA ASN A 49 17.29 -43.67 -29.09
C ASN A 49 17.54 -44.37 -27.75
N GLY A 50 16.46 -44.84 -27.13
CA GLY A 50 16.56 -45.53 -25.86
C GLY A 50 16.89 -44.66 -24.68
N ALA A 51 16.91 -43.35 -24.84
CA ALA A 51 17.22 -42.41 -23.77
C ALA A 51 16.06 -41.47 -23.55
N VAL A 52 16.10 -40.74 -22.43
CA VAL A 52 15.07 -39.81 -22.04
C VAL A 52 15.68 -38.42 -21.92
N THR A 53 15.03 -37.44 -22.54
CA THR A 53 15.46 -36.04 -22.49
C THR A 53 14.45 -35.22 -21.69
N HIS A 54 14.97 -34.30 -20.89
CA HIS A 54 14.15 -33.44 -20.03
C HIS A 54 14.31 -32.00 -20.49
N ILE A 55 13.31 -31.49 -21.22
CA ILE A 55 13.29 -30.12 -21.68
C ILE A 55 12.44 -29.31 -20.72
N LYS A 56 12.96 -28.16 -20.28
CA LYS A 56 12.27 -27.35 -19.31
C LYS A 56 11.22 -26.46 -19.96
N ILE A 57 10.21 -26.11 -19.18
CA ILE A 57 9.14 -25.20 -19.60
C ILE A 57 8.90 -24.22 -18.47
N GLN A 58 9.13 -22.94 -18.73
CA GLN A 58 8.99 -21.90 -17.72
C GLN A 58 7.75 -21.04 -17.99
N ASN A 59 7.18 -20.51 -16.92
CA ASN A 59 6.00 -19.66 -17.02
C ASN A 59 5.97 -18.74 -15.81
N THR A 60 6.25 -17.46 -16.03
CA THR A 60 6.19 -16.46 -14.96
C THR A 60 4.91 -15.63 -15.00
N GLY A 61 4.01 -15.92 -15.93
CA GLY A 61 2.73 -15.23 -15.98
C GLY A 61 2.34 -14.75 -17.35
N ASP A 62 3.25 -14.82 -18.32
CA ASP A 62 2.99 -14.34 -19.66
C ASP A 62 2.72 -15.43 -20.68
N TYR A 63 3.35 -16.59 -20.54
CA TYR A 63 3.22 -17.66 -21.53
C TYR A 63 4.04 -18.85 -21.05
N TYR A 64 3.90 -19.96 -21.77
CA TYR A 64 4.72 -21.14 -21.56
C TYR A 64 5.90 -21.09 -22.53
N ASP A 65 7.11 -20.96 -21.98
CA ASP A 65 8.33 -20.84 -22.77
C ASP A 65 9.04 -22.20 -22.79
N LEU A 66 9.01 -22.85 -23.94
CA LEU A 66 9.68 -24.14 -24.09
C LEU A 66 11.15 -23.95 -24.36
N TYR A 67 11.99 -24.58 -23.53
CA TYR A 67 13.44 -24.45 -23.69
C TYR A 67 13.86 -24.98 -25.05
N GLY A 68 14.52 -24.14 -25.83
CA GLY A 68 14.90 -24.52 -27.19
C GLY A 68 13.75 -24.62 -28.16
N GLY A 69 12.56 -24.18 -27.76
CA GLY A 69 11.38 -24.25 -28.61
C GLY A 69 10.72 -22.89 -28.72
N GLU A 70 9.39 -22.89 -28.68
CA GLU A 70 8.58 -21.70 -28.86
C GLU A 70 7.81 -21.40 -27.57
N LYS A 71 7.05 -20.30 -27.61
CA LYS A 71 6.23 -19.87 -26.48
C LYS A 71 4.77 -20.13 -26.82
N PHE A 72 4.06 -20.80 -25.91
CA PHE A 72 2.68 -21.23 -26.15
C PHE A 72 1.76 -20.70 -25.06
N ALA A 73 0.47 -20.65 -25.37
CA ALA A 73 -0.52 -20.16 -24.42
C ALA A 73 -0.96 -21.25 -23.44
N THR A 74 -0.97 -22.50 -23.87
CA THR A 74 -1.33 -23.62 -23.00
C THR A 74 -0.45 -24.81 -23.35
N LEU A 75 -0.33 -25.73 -22.38
CA LEU A 75 0.43 -26.95 -22.62
C LEU A 75 -0.22 -27.80 -23.71
N ALA A 76 -1.55 -27.88 -23.70
CA ALA A 76 -2.25 -28.61 -24.76
C ALA A 76 -1.95 -28.01 -26.13
N GLU A 77 -2.01 -26.68 -26.23
CA GLU A 77 -1.67 -26.03 -27.48
C GLU A 77 -0.21 -26.27 -27.85
N LEU A 78 0.68 -26.26 -26.86
CA LEU A 78 2.08 -26.59 -27.11
C LEU A 78 2.19 -28.01 -27.65
N VAL A 79 1.54 -28.96 -26.99
CA VAL A 79 1.67 -30.37 -27.35
C VAL A 79 1.05 -30.62 -28.72
N GLN A 80 -0.14 -30.05 -28.97
CA GLN A 80 -0.78 -30.20 -30.27
C GLN A 80 0.08 -29.62 -31.38
N TYR A 81 0.74 -28.48 -31.12
CA TYR A 81 1.54 -27.84 -32.15
C TYR A 81 2.64 -28.77 -32.66
N TYR A 82 3.28 -29.50 -31.77
CA TYR A 82 4.40 -30.35 -32.15
C TYR A 82 3.96 -31.75 -32.61
N MET A 83 2.79 -32.22 -32.18
CA MET A 83 2.31 -33.50 -32.68
C MET A 83 1.79 -33.42 -34.11
N GLU A 84 1.61 -32.22 -34.65
CA GLU A 84 1.20 -32.07 -36.04
C GLU A 84 2.02 -30.99 -36.74
N GLN A 88 9.32 -27.82 -36.27
CA GLN A 88 10.07 -28.90 -35.64
C GLN A 88 10.63 -28.51 -34.29
N LEU A 89 10.34 -29.33 -33.28
CA LEU A 89 10.99 -29.19 -31.99
C LEU A 89 12.38 -29.80 -32.06
N LYS A 90 13.40 -28.99 -31.77
CA LYS A 90 14.79 -29.43 -31.88
C LYS A 90 15.53 -29.15 -30.59
N GLU A 91 16.46 -30.05 -30.25
CA GLU A 91 17.37 -29.80 -29.14
C GLU A 91 18.26 -28.61 -29.47
N LYS A 92 18.92 -28.09 -28.44
CA LYS A 92 19.85 -26.98 -28.68
C LYS A 92 21.13 -27.43 -29.37
N ASN A 93 21.25 -28.71 -29.71
CA ASN A 93 22.33 -29.22 -30.55
C ASN A 93 21.89 -29.43 -31.99
N GLY A 94 20.68 -29.00 -32.34
CA GLY A 94 20.16 -29.15 -33.67
C GLY A 94 19.35 -30.42 -33.91
N ASP A 95 19.41 -31.38 -33.00
CA ASP A 95 18.70 -32.64 -33.20
C ASP A 95 17.19 -32.44 -33.13
N VAL A 96 16.47 -33.16 -33.98
CA VAL A 96 15.02 -33.05 -34.05
C VAL A 96 14.39 -33.95 -33.01
N ILE A 97 13.39 -33.43 -32.31
CA ILE A 97 12.64 -34.17 -31.31
C ILE A 97 11.32 -34.62 -31.93
N GLU A 98 10.89 -35.83 -31.57
CA GLU A 98 9.65 -36.40 -32.09
C GLU A 98 8.71 -36.66 -30.93
N LEU A 99 7.58 -35.95 -30.92
CA LEU A 99 6.51 -36.19 -29.96
C LEU A 99 5.49 -37.10 -30.65
N LYS A 100 5.66 -38.41 -30.48
CA LYS A 100 4.90 -39.40 -31.23
C LYS A 100 3.79 -40.03 -30.40
N TYR A 101 4.14 -40.67 -29.29
CA TYR A 101 3.19 -41.46 -28.52
C TYR A 101 3.02 -40.89 -27.12
N PRO A 102 1.88 -40.29 -26.79
CA PRO A 102 1.67 -39.82 -25.42
C PRO A 102 1.58 -40.99 -24.44
N LEU A 103 2.27 -40.85 -23.32
CA LEU A 103 2.21 -41.84 -22.25
C LEU A 103 1.13 -41.42 -21.27
N ASN A 104 -0.02 -42.09 -21.35
CA ASN A 104 -1.18 -41.68 -20.56
C ASN A 104 -0.93 -41.87 -19.08
N CYS A 105 -1.44 -40.94 -18.27
CA CYS A 105 -1.34 -40.99 -16.82
C CYS A 105 -2.60 -41.62 -16.25
N ALA A 106 -2.42 -42.48 -15.25
CA ALA A 106 -3.53 -43.15 -14.59
C ALA A 106 -3.93 -42.51 -13.27
N ASP A 107 -3.21 -41.49 -12.83
CA ASP A 107 -3.52 -40.81 -11.58
C ASP A 107 -4.82 -40.01 -11.76
N PRO A 108 -5.84 -40.23 -10.93
CA PRO A 108 -7.10 -39.49 -11.07
C PRO A 108 -7.17 -38.20 -10.27
N THR A 109 -6.05 -37.70 -9.75
CA THR A 109 -6.10 -36.53 -8.88
C THR A 109 -6.72 -35.33 -9.57
N SER A 110 -6.42 -35.15 -10.86
CA SER A 110 -6.84 -33.97 -11.60
C SER A 110 -8.25 -34.07 -12.17
N GLU A 111 -8.98 -35.14 -11.89
CA GLU A 111 -10.31 -35.31 -12.45
C GLU A 111 -11.32 -34.44 -11.71
N ARG A 112 -12.32 -33.94 -12.45
CA ARG A 112 -13.35 -33.10 -11.85
C ARG A 112 -14.16 -33.87 -10.81
N TRP A 113 -14.38 -35.16 -11.02
CA TRP A 113 -15.25 -35.96 -10.17
C TRP A 113 -14.51 -36.70 -9.06
N PHE A 114 -13.18 -36.59 -9.01
CA PHE A 114 -12.39 -37.29 -8.01
C PHE A 114 -12.15 -36.35 -6.82
N HIS A 115 -12.57 -36.78 -5.62
CA HIS A 115 -12.49 -35.93 -4.44
C HIS A 115 -11.62 -36.54 -3.34
N GLY A 116 -10.71 -37.44 -3.71
CA GLY A 116 -9.71 -37.92 -2.76
C GLY A 116 -10.34 -38.59 -1.55
N HIS A 117 -9.86 -38.22 -0.36
CA HIS A 117 -10.24 -38.88 0.89
C HIS A 117 -11.53 -38.31 1.49
N LEU A 118 -12.44 -37.81 0.66
CA LEU A 118 -13.72 -37.34 1.16
C LEU A 118 -14.46 -38.48 1.88
N SER A 119 -15.16 -38.13 2.95
CA SER A 119 -15.88 -39.13 3.72
C SER A 119 -17.26 -39.38 3.12
N GLY A 120 -17.87 -40.50 3.54
CA GLY A 120 -19.21 -40.79 3.09
C GLY A 120 -20.25 -39.82 3.61
N LYS A 121 -20.05 -39.30 4.82
CA LYS A 121 -20.98 -38.31 5.36
C LYS A 121 -20.78 -36.95 4.68
N GLU A 122 -19.52 -36.53 4.52
CA GLU A 122 -19.24 -35.30 3.80
C GLU A 122 -19.73 -35.38 2.36
N ALA A 123 -19.64 -36.57 1.75
CA ALA A 123 -20.09 -36.73 0.37
C ALA A 123 -21.61 -36.65 0.28
N GLU A 124 -22.32 -37.41 1.11
CA GLU A 124 -23.78 -37.36 1.10
C GLU A 124 -24.29 -35.96 1.37
N LYS A 125 -23.59 -35.21 2.22
CA LYS A 125 -23.99 -33.83 2.49
C LYS A 125 -23.87 -32.99 1.22
N LEU A 126 -22.70 -33.04 0.56
CA LEU A 126 -22.51 -32.26 -0.66
C LEU A 126 -23.48 -32.70 -1.75
N LEU A 127 -23.66 -34.01 -1.92
CA LEU A 127 -24.56 -34.52 -2.96
C LEU A 127 -26.01 -34.14 -2.71
N THR A 128 -26.38 -33.84 -1.46
CA THR A 128 -27.75 -33.51 -1.14
C THR A 128 -28.05 -32.02 -1.26
N GLU A 129 -27.08 -31.16 -0.96
CA GLU A 129 -27.30 -29.72 -0.95
C GLU A 129 -26.82 -29.03 -2.21
N LYS A 130 -25.90 -29.62 -2.97
CA LYS A 130 -25.38 -29.02 -4.18
C LYS A 130 -25.74 -29.78 -5.45
N GLY A 131 -26.13 -31.06 -5.34
CA GLY A 131 -26.30 -31.88 -6.51
C GLY A 131 -27.70 -31.88 -7.08
N LYS A 132 -27.78 -32.22 -8.37
CA LYS A 132 -29.04 -32.41 -9.08
C LYS A 132 -29.02 -33.81 -9.71
N HIS A 133 -29.99 -34.08 -10.57
CA HIS A 133 -30.03 -35.37 -11.26
C HIS A 133 -28.83 -35.50 -12.19
N GLY A 134 -28.04 -36.55 -11.98
CA GLY A 134 -26.85 -36.80 -12.76
C GLY A 134 -25.55 -36.49 -12.04
N SER A 135 -25.59 -35.69 -10.99
CA SER A 135 -24.37 -35.38 -10.25
C SER A 135 -23.76 -36.65 -9.67
N PHE A 136 -22.45 -36.80 -9.84
CA PHE A 136 -21.73 -37.96 -9.38
C PHE A 136 -20.36 -37.55 -8.87
N LEU A 137 -19.73 -38.46 -8.13
CA LEU A 137 -18.41 -38.19 -7.56
C LEU A 137 -17.77 -39.51 -7.17
N VAL A 138 -16.45 -39.50 -7.05
CA VAL A 138 -15.66 -40.67 -6.69
C VAL A 138 -14.74 -40.30 -5.53
N ARG A 139 -14.77 -41.10 -4.48
CA ARG A 139 -13.96 -40.86 -3.28
C ARG A 139 -13.22 -42.13 -2.89
N GLU A 140 -12.20 -41.96 -2.06
CA GLU A 140 -11.47 -43.10 -1.52
C GLU A 140 -12.27 -43.76 -0.41
N SER A 141 -12.17 -45.07 -0.32
CA SER A 141 -12.87 -45.84 0.70
C SER A 141 -12.04 -45.95 1.96
N GLN A 142 -12.74 -45.98 3.10
CA GLN A 142 -12.10 -46.11 4.40
C GLN A 142 -12.19 -47.52 4.97
N SER A 143 -13.37 -48.14 4.89
CA SER A 143 -13.53 -49.49 5.41
C SER A 143 -12.78 -50.51 4.55
N HIS A 144 -12.58 -50.21 3.28
CA HIS A 144 -11.85 -51.08 2.35
C HIS A 144 -10.71 -50.28 1.75
N PRO A 145 -9.58 -50.17 2.45
CA PRO A 145 -8.45 -49.38 1.94
C PRO A 145 -8.03 -49.85 0.55
N GLY A 146 -7.69 -48.89 -0.30
CA GLY A 146 -7.31 -49.15 -1.67
C GLY A 146 -8.45 -49.10 -2.66
N ASP A 147 -9.69 -49.24 -2.21
CA ASP A 147 -10.85 -49.18 -3.08
C ASP A 147 -11.40 -47.76 -3.15
N PHE A 148 -12.45 -47.58 -3.95
CA PHE A 148 -13.08 -46.28 -4.12
C PHE A 148 -14.60 -46.47 -4.13
N VAL A 149 -15.31 -45.35 -4.04
CA VAL A 149 -16.77 -45.34 -3.96
C VAL A 149 -17.31 -44.32 -4.95
N LEU A 150 -18.24 -44.74 -5.79
CA LEU A 150 -18.91 -43.88 -6.76
C LEU A 150 -20.33 -43.64 -6.28
N SER A 151 -20.69 -42.37 -6.11
CA SER A 151 -22.01 -41.97 -5.62
C SER A 151 -22.71 -41.14 -6.69
N VAL A 152 -23.88 -41.59 -7.12
CA VAL A 152 -24.66 -40.91 -8.15
C VAL A 152 -26.00 -40.50 -7.55
N ARG A 153 -26.49 -39.34 -7.96
CA ARG A 153 -27.77 -38.80 -7.50
C ARG A 153 -28.77 -38.85 -8.63
N THR A 154 -29.96 -39.40 -8.35
CA THR A 154 -31.02 -39.52 -9.33
C THR A 154 -32.33 -39.02 -8.73
N GLY A 155 -33.23 -38.57 -9.60
CA GLY A 155 -34.52 -38.07 -9.17
C GLY A 155 -34.96 -36.83 -9.93
N LYS A 165 -38.45 -38.62 -3.73
CA LYS A 165 -38.49 -38.41 -5.16
C LYS A 165 -37.09 -38.51 -5.77
N SER A 166 -36.09 -38.12 -4.98
CA SER A 166 -34.69 -38.23 -5.36
C SER A 166 -33.95 -39.12 -4.36
N LYS A 167 -32.79 -39.61 -4.76
CA LYS A 167 -32.02 -40.51 -3.91
C LYS A 167 -30.57 -40.46 -4.33
N VAL A 168 -29.71 -40.99 -3.46
CA VAL A 168 -28.27 -41.13 -3.72
C VAL A 168 -27.94 -42.61 -3.72
N THR A 169 -27.25 -43.06 -4.77
CA THR A 169 -26.86 -44.45 -4.91
C THR A 169 -25.35 -44.59 -4.79
N HIS A 170 -24.91 -45.59 -4.04
CA HIS A 170 -23.49 -45.82 -3.78
C HIS A 170 -23.06 -47.12 -4.45
N VAL A 171 -22.00 -47.04 -5.26
CA VAL A 171 -21.44 -48.20 -5.94
C VAL A 171 -19.98 -48.34 -5.54
N MET A 172 -19.56 -49.56 -5.23
CA MET A 172 -18.20 -49.83 -4.81
C MET A 172 -17.30 -50.09 -6.01
N ILE A 173 -16.08 -49.56 -5.94
CA ILE A 173 -15.06 -49.78 -6.95
C ILE A 173 -13.92 -50.55 -6.30
N ARG A 174 -13.71 -51.78 -6.75
CA ARG A 174 -12.70 -52.65 -6.16
C ARG A 174 -11.38 -52.50 -6.91
N CYS A 175 -10.28 -52.52 -6.15
CA CYS A 175 -8.93 -52.47 -6.68
C CYS A 175 -8.31 -53.85 -6.51
N GLN A 176 -8.11 -54.55 -7.63
CA GLN A 176 -7.57 -55.90 -7.62
C GLN A 176 -6.47 -56.01 -8.66
N GLU A 177 -5.24 -56.26 -8.20
CA GLU A 177 -4.09 -56.44 -9.09
C GLU A 177 -3.90 -55.22 -9.99
N LEU A 178 -4.06 -54.03 -9.42
CA LEU A 178 -3.86 -52.76 -10.13
C LEU A 178 -4.91 -52.50 -11.20
N LYS A 179 -6.07 -53.15 -11.11
CA LYS A 179 -7.17 -52.92 -12.04
C LYS A 179 -8.46 -52.74 -11.25
N TYR A 180 -9.34 -51.90 -11.79
CA TYR A 180 -10.54 -51.47 -11.10
C TYR A 180 -11.79 -52.07 -11.76
N ASP A 181 -12.80 -52.32 -10.93
CA ASP A 181 -14.06 -52.87 -11.40
C ASP A 181 -15.15 -52.57 -10.39
N VAL A 182 -16.39 -52.68 -10.83
CA VAL A 182 -17.54 -52.41 -9.97
C VAL A 182 -18.16 -53.73 -9.52
N GLY A 183 -17.31 -54.68 -9.14
CA GLY A 183 -17.75 -55.99 -8.71
C GLY A 183 -17.99 -56.98 -9.82
N GLY A 184 -18.16 -56.52 -11.05
CA GLY A 184 -18.36 -57.43 -12.16
C GLY A 184 -18.08 -56.72 -13.46
N GLY A 185 -18.28 -57.45 -14.55
CA GLY A 185 -18.14 -56.84 -15.86
C GLY A 185 -16.67 -56.73 -16.25
N GLU A 186 -16.35 -55.64 -16.94
CA GLU A 186 -14.99 -55.40 -17.41
C GLU A 186 -14.10 -54.92 -16.26
N ARG A 187 -12.79 -55.02 -16.47
CA ARG A 187 -11.79 -54.60 -15.50
C ARG A 187 -10.87 -53.59 -16.18
N PHE A 188 -10.80 -52.38 -15.62
CA PHE A 188 -10.13 -51.26 -16.25
C PHE A 188 -8.77 -51.02 -15.62
N ASP A 189 -7.86 -50.45 -16.42
CA ASP A 189 -6.50 -50.17 -15.96
C ASP A 189 -6.40 -48.94 -15.09
N SER A 190 -7.38 -48.04 -15.14
CA SER A 190 -7.34 -46.81 -14.37
C SER A 190 -8.74 -46.40 -13.98
N LEU A 191 -8.83 -45.62 -12.90
CA LEU A 191 -10.12 -45.11 -12.46
C LEU A 191 -10.78 -44.29 -13.56
N THR A 192 -9.99 -43.54 -14.33
CA THR A 192 -10.56 -42.71 -15.39
C THR A 192 -11.25 -43.57 -16.46
N ASP A 193 -10.58 -44.65 -16.88
CA ASP A 193 -11.17 -45.52 -17.89
C ASP A 193 -12.50 -46.10 -17.40
N LEU A 194 -12.55 -46.53 -16.14
CA LEU A 194 -13.78 -47.07 -15.58
C LEU A 194 -14.91 -46.05 -15.63
N VAL A 195 -14.61 -44.79 -15.28
CA VAL A 195 -15.66 -43.77 -15.23
C VAL A 195 -16.21 -43.50 -16.63
N GLU A 196 -15.32 -43.30 -17.60
CA GLU A 196 -15.77 -42.99 -18.96
C GLU A 196 -16.62 -44.11 -19.53
N HIS A 197 -16.25 -45.37 -19.25
CA HIS A 197 -17.02 -46.50 -19.76
C HIS A 197 -18.44 -46.47 -19.24
N TYR A 198 -18.60 -46.30 -17.93
CA TYR A 198 -19.93 -46.28 -17.32
C TYR A 198 -20.66 -44.96 -17.51
N LYS A 199 -20.01 -43.96 -18.09
CA LYS A 199 -20.73 -42.78 -18.57
C LYS A 199 -21.39 -43.07 -19.91
N LYS A 200 -20.65 -43.70 -20.84
CA LYS A 200 -21.22 -44.08 -22.12
C LYS A 200 -22.15 -45.27 -22.00
N ASN A 201 -21.86 -46.17 -21.05
CA ASN A 201 -22.68 -47.36 -20.80
C ASN A 201 -23.08 -47.35 -19.33
N PRO A 202 -24.05 -46.52 -18.96
CA PRO A 202 -24.41 -46.38 -17.55
C PRO A 202 -24.93 -47.68 -16.95
N MET A 203 -24.64 -47.87 -15.67
CA MET A 203 -25.18 -49.01 -14.94
C MET A 203 -26.69 -48.85 -14.75
N VAL A 204 -27.38 -49.98 -14.66
CA VAL A 204 -28.83 -49.99 -14.49
C VAL A 204 -29.17 -51.03 -13.44
N GLU A 205 -29.97 -50.63 -12.45
CA GLU A 205 -30.41 -51.56 -11.42
C GLU A 205 -31.58 -52.39 -11.94
N THR A 206 -31.76 -53.57 -11.34
CA THR A 206 -32.73 -54.54 -11.85
C THR A 206 -34.14 -53.95 -11.91
N LEU A 207 -34.44 -52.96 -11.08
CA LEU A 207 -35.78 -52.40 -11.01
C LEU A 207 -35.98 -51.21 -11.94
N GLY A 208 -34.99 -50.89 -12.78
CA GLY A 208 -35.13 -49.89 -13.82
C GLY A 208 -34.25 -48.67 -13.64
N THR A 209 -33.93 -48.33 -12.39
CA THR A 209 -33.15 -47.12 -12.11
C THR A 209 -31.85 -47.11 -12.91
N VAL A 210 -31.65 -46.05 -13.69
CA VAL A 210 -30.46 -45.88 -14.49
C VAL A 210 -29.55 -44.87 -13.79
N LEU A 211 -28.31 -45.28 -13.50
CA LEU A 211 -27.35 -44.42 -12.81
C LEU A 211 -26.60 -43.61 -13.86
N GLN A 212 -27.27 -42.58 -14.36
CA GLN A 212 -26.71 -41.72 -15.40
C GLN A 212 -25.69 -40.75 -14.78
N LEU A 213 -24.45 -40.85 -15.23
CA LEU A 213 -23.39 -39.91 -14.81
C LEU A 213 -23.41 -38.73 -15.76
N LYS A 214 -24.16 -37.69 -15.40
CA LYS A 214 -24.37 -36.55 -16.28
C LYS A 214 -23.22 -35.56 -16.19
N GLN A 215 -22.98 -35.00 -15.00
CA GLN A 215 -21.90 -34.06 -14.79
C GLN A 215 -21.40 -34.20 -13.37
N PRO A 216 -20.15 -33.84 -13.09
CA PRO A 216 -19.62 -33.99 -11.73
C PRO A 216 -20.19 -32.93 -10.80
N LEU A 217 -20.38 -33.34 -9.54
CA LEU A 217 -20.93 -32.42 -8.55
C LEU A 217 -20.04 -31.20 -8.39
N ASN A 218 -20.66 -30.02 -8.39
N ASN A 218 -20.66 -30.03 -8.40
CA ASN A 218 -19.90 -28.77 -8.28
CA ASN A 218 -19.93 -28.77 -8.26
C ASN A 218 -19.62 -28.46 -6.83
C ASN A 218 -19.63 -28.51 -6.79
N THR A 219 -18.34 -28.45 -6.46
CA THR A 219 -17.89 -28.10 -5.11
C THR A 219 -17.00 -26.87 -5.11
N THR A 220 -16.97 -26.13 -6.22
CA THR A 220 -16.18 -24.91 -6.31
C THR A 220 -17.03 -23.65 -6.23
N ARG A 221 -18.31 -23.73 -6.56
CA ARG A 221 -19.20 -22.58 -6.41
C ARG A 221 -19.41 -22.28 -4.93
N ILE A 222 -19.13 -21.04 -4.53
CA ILE A 222 -19.24 -20.63 -3.14
C ILE A 222 -20.06 -19.35 -3.07
N ASN A 223 -20.56 -19.06 -1.88
CA ASN A 223 -21.16 -17.76 -1.60
C ASN A 223 -20.06 -16.73 -1.43
N ALA A 224 -20.21 -15.58 -2.09
CA ALA A 224 -19.17 -14.56 -2.04
C ALA A 224 -18.82 -14.19 -0.60
N ALA A 225 -19.79 -14.26 0.31
CA ALA A 225 -19.54 -13.88 1.69
C ALA A 225 -18.47 -14.78 2.32
N GLU A 226 -18.54 -16.08 2.06
CA GLU A 226 -17.61 -17.05 2.65
C GLU A 226 -16.33 -17.20 1.81
N ILE A 227 -15.84 -16.11 1.22
CA ILE A 227 -14.63 -16.21 0.41
C ILE A 227 -13.41 -16.39 1.30
N GLU A 228 -13.39 -15.73 2.46
CA GLU A 228 -12.25 -15.85 3.36
C GLU A 228 -12.11 -17.28 3.89
N SER A 229 -13.21 -17.86 4.35
CA SER A 229 -13.16 -19.23 4.87
C SER A 229 -12.85 -20.24 3.77
N ARG A 230 -13.21 -19.92 2.52
CA ARG A 230 -12.86 -20.81 1.41
C ARG A 230 -11.40 -20.66 1.01
N VAL A 231 -10.83 -19.46 1.17
CA VAL A 231 -9.40 -19.29 0.91
C VAL A 231 -8.57 -19.97 1.99
N ARG A 232 -9.08 -20.02 3.22
CA ARG A 232 -8.38 -20.74 4.29
C ARG A 232 -8.30 -22.23 3.97
N GLU A 233 -9.40 -22.80 3.48
CA GLU A 233 -9.42 -24.23 3.17
C GLU A 233 -8.45 -24.57 2.05
N LEU A 234 -8.52 -23.84 0.95
CA LEU A 234 -7.65 -24.11 -0.20
C LEU A 234 -6.17 -23.87 0.11
N SER A 235 -5.85 -23.35 1.29
CA SER A 235 -4.48 -23.03 1.66
C SER A 235 -3.88 -24.01 2.64
N LYS A 236 -4.64 -25.02 3.08
CA LYS A 236 -4.17 -25.91 4.12
C LYS A 236 -3.03 -26.79 3.63
N LEU A 237 -2.16 -27.16 4.56
CA LEU A 237 -1.07 -28.09 4.28
C LEU A 237 -1.56 -29.53 4.35
N ALA A 238 -0.98 -30.38 3.50
CA ALA A 238 -1.30 -31.80 3.55
C ALA A 238 -1.01 -32.38 4.93
N GLU A 239 0.25 -32.32 5.35
CA GLU A 239 0.72 -32.74 6.68
C GLU A 239 -0.19 -33.76 7.36
N GLN A 246 -2.02 -28.85 -0.72
CA GLN A 246 -2.84 -27.66 -0.76
C GLN A 246 -4.02 -27.83 -1.72
N GLY A 247 -5.18 -27.29 -1.33
CA GLY A 247 -6.35 -27.38 -2.19
C GLY A 247 -6.25 -26.52 -3.43
N PHE A 248 -5.60 -25.36 -3.33
CA PHE A 248 -5.41 -24.50 -4.48
C PHE A 248 -4.80 -25.29 -5.65
N TRP A 249 -3.78 -26.09 -5.36
CA TRP A 249 -3.13 -26.88 -6.41
C TRP A 249 -4.11 -27.88 -7.03
N GLU A 250 -4.94 -28.51 -6.20
CA GLU A 250 -5.91 -29.46 -6.74
C GLU A 250 -6.97 -28.77 -7.58
N GLU A 251 -7.53 -27.67 -7.08
CA GLU A 251 -8.52 -26.93 -7.85
C GLU A 251 -7.93 -26.39 -9.15
N PHE A 252 -6.71 -25.89 -9.09
CA PHE A 252 -6.10 -25.30 -10.28
C PHE A 252 -5.74 -26.37 -11.31
N GLU A 253 -5.01 -27.40 -10.89
CA GLU A 253 -4.59 -28.44 -11.82
C GLU A 253 -5.79 -29.16 -12.43
N THR A 254 -6.87 -29.30 -11.67
CA THR A 254 -8.10 -29.87 -12.24
C THR A 254 -8.65 -28.97 -13.34
N LEU A 255 -8.44 -27.66 -13.24
CA LEU A 255 -8.86 -26.75 -14.29
C LEU A 255 -7.92 -26.82 -15.49
N GLN A 256 -6.62 -26.97 -15.24
CA GLN A 256 -5.67 -27.08 -16.34
C GLN A 256 -5.93 -28.31 -17.18
N GLN A 257 -6.40 -29.39 -16.57
CA GLN A 257 -6.72 -30.60 -17.33
C GLN A 257 -7.87 -30.35 -18.31
N GLN A 258 -8.75 -29.40 -17.99
CA GLN A 258 -9.90 -29.11 -18.84
C GLN A 258 -9.55 -28.27 -20.05
N GLU A 259 -8.31 -27.77 -20.15
CA GLU A 259 -7.95 -26.92 -21.27
C GLU A 259 -7.93 -27.66 -22.60
N CYS A 260 -7.80 -28.99 -22.58
CA CYS A 260 -7.82 -29.76 -23.82
C CYS A 260 -9.17 -29.72 -24.52
N LYS A 261 -10.20 -29.14 -23.89
CA LYS A 261 -11.50 -28.93 -24.50
C LYS A 261 -11.61 -27.60 -25.22
N LEU A 262 -10.55 -26.79 -25.20
CA LEU A 262 -10.57 -25.43 -25.72
C LEU A 262 -9.59 -25.25 -26.87
N LEU A 263 -9.51 -26.24 -27.75
CA LEU A 263 -8.59 -26.19 -28.90
C LEU A 263 -9.32 -25.72 -30.16
N TYR A 264 -9.98 -24.58 -30.07
CA TYR A 264 -10.69 -24.03 -31.22
C TYR A 264 -9.70 -23.60 -32.30
N SER A 265 -10.23 -23.46 -33.52
CA SER A 265 -9.39 -23.14 -34.67
C SER A 265 -8.81 -21.73 -34.54
N ARG A 266 -7.65 -21.55 -35.18
CA ARG A 266 -6.95 -20.26 -35.21
C ARG A 266 -6.38 -20.03 -36.61
N LYS A 267 -7.19 -20.28 -37.64
CA LYS A 267 -6.69 -20.24 -39.01
C LYS A 267 -6.25 -18.84 -39.40
N GLU A 268 -7.14 -17.85 -39.24
CA GLU A 268 -6.83 -16.49 -39.71
C GLU A 268 -5.50 -16.01 -39.15
N GLY A 269 -5.18 -16.38 -37.92
CA GLY A 269 -3.89 -15.98 -37.35
C GLY A 269 -2.72 -16.69 -37.99
N GLN A 270 -2.91 -17.94 -38.42
CA GLN A 270 -1.85 -18.71 -39.03
C GLN A 270 -1.63 -18.36 -40.50
N ARG A 271 -2.48 -17.52 -41.08
CA ARG A 271 -2.32 -17.14 -42.49
C ARG A 271 -0.98 -16.44 -42.71
N GLN A 272 -0.42 -16.64 -43.90
CA GLN A 272 0.90 -16.10 -44.19
C GLN A 272 0.92 -14.58 -44.08
N GLU A 273 -0.11 -13.91 -44.58
CA GLU A 273 -0.17 -12.46 -44.59
C GLU A 273 -0.53 -11.86 -43.24
N ASN A 274 -0.66 -12.68 -42.19
CA ASN A 274 -0.93 -12.19 -40.85
C ASN A 274 0.14 -12.58 -39.84
N LYS A 275 1.21 -13.26 -40.28
CA LYS A 275 2.21 -13.76 -39.33
C LYS A 275 2.92 -12.63 -38.62
N ASN A 276 3.29 -11.58 -39.34
CA ASN A 276 4.05 -10.48 -38.75
C ASN A 276 3.19 -9.53 -37.92
N LYS A 277 1.89 -9.77 -37.82
CA LYS A 277 1.02 -8.98 -36.95
C LYS A 277 0.83 -9.61 -35.58
N ASN A 278 1.38 -10.79 -35.35
CA ASN A 278 1.31 -11.45 -34.05
C ASN A 278 2.62 -11.20 -33.30
N ARG A 279 2.51 -10.79 -32.04
CA ARG A 279 3.71 -10.56 -31.24
C ARG A 279 4.44 -11.86 -30.95
N TYR A 280 3.70 -12.94 -30.72
CA TYR A 280 4.27 -14.26 -30.50
C TYR A 280 3.71 -15.22 -31.55
N LYS A 281 4.59 -16.01 -32.16
CA LYS A 281 4.24 -16.73 -33.38
C LYS A 281 3.05 -17.67 -33.17
N ASN A 282 3.01 -18.37 -32.04
CA ASN A 282 2.01 -19.41 -31.83
C ASN A 282 0.84 -18.98 -30.93
N ILE A 283 0.93 -17.82 -30.29
CA ILE A 283 -0.13 -17.34 -29.42
C ILE A 283 -1.11 -16.57 -30.31
N LEU A 284 -2.07 -17.30 -30.87
CA LEU A 284 -2.97 -16.79 -31.88
C LEU A 284 -4.40 -16.66 -31.36
N PRO A 285 -5.22 -15.83 -31.98
CA PRO A 285 -6.60 -15.64 -31.53
C PRO A 285 -7.56 -16.65 -32.13
N PHE A 286 -8.57 -17.00 -31.34
CA PHE A 286 -9.63 -17.88 -31.82
C PHE A 286 -10.40 -17.22 -32.97
N ASP A 287 -10.81 -18.03 -33.94
CA ASP A 287 -11.50 -17.48 -35.10
C ASP A 287 -12.90 -17.00 -34.75
N HIS A 288 -13.62 -17.75 -33.91
CA HIS A 288 -15.01 -17.46 -33.62
C HIS A 288 -15.20 -16.31 -32.63
N THR A 289 -14.11 -15.78 -32.07
CA THR A 289 -14.21 -14.63 -31.17
C THR A 289 -13.21 -13.52 -31.50
N ARG A 290 -12.45 -13.66 -32.58
CA ARG A 290 -11.49 -12.62 -32.94
C ARG A 290 -12.20 -11.38 -33.45
N VAL A 291 -11.54 -10.23 -33.30
CA VAL A 291 -12.09 -8.96 -33.74
C VAL A 291 -11.82 -8.80 -35.23
N VAL A 292 -12.88 -8.74 -36.03
CA VAL A 292 -12.78 -8.57 -37.47
C VAL A 292 -12.81 -7.07 -37.77
N LEU A 293 -11.73 -6.57 -38.36
CA LEU A 293 -11.63 -5.16 -38.70
C LEU A 293 -12.30 -4.91 -40.05
N HIS A 294 -13.29 -4.01 -40.07
CA HIS A 294 -14.01 -3.69 -41.28
C HIS A 294 -13.57 -2.34 -41.85
N SER A 303 -7.17 -7.20 -44.81
CA SER A 303 -6.83 -6.16 -43.86
C SER A 303 -7.80 -6.13 -42.69
N ASP A 304 -8.23 -7.32 -42.26
CA ASP A 304 -9.23 -7.46 -41.21
C ASP A 304 -8.68 -8.07 -39.93
N TYR A 305 -7.38 -8.36 -39.86
CA TYR A 305 -6.83 -9.17 -38.80
C TYR A 305 -6.14 -8.32 -37.73
N ILE A 306 -6.35 -8.72 -36.48
CA ILE A 306 -5.60 -8.20 -35.34
C ILE A 306 -5.64 -9.26 -34.24
N ASN A 307 -4.52 -9.43 -33.54
CA ASN A 307 -4.43 -10.42 -32.48
C ASN A 307 -5.23 -9.93 -31.28
N ALA A 308 -6.55 -10.17 -31.33
CA ALA A 308 -7.44 -9.73 -30.28
C ALA A 308 -8.73 -10.53 -30.36
N ASN A 309 -9.36 -10.73 -29.20
CA ASN A 309 -10.62 -11.45 -29.10
C ASN A 309 -11.59 -10.68 -28.22
N ILE A 310 -12.86 -10.76 -28.55
CA ILE A 310 -13.91 -10.19 -27.71
C ILE A 310 -14.21 -11.16 -26.58
N ILE A 311 -14.27 -10.65 -25.36
CA ILE A 311 -14.55 -11.45 -24.18
C ILE A 311 -15.93 -11.04 -23.67
N MET A 312 -16.93 -11.86 -23.97
CA MET A 312 -18.29 -11.59 -23.56
C MET A 312 -18.66 -12.52 -22.40
N PRO A 313 -18.75 -12.02 -21.17
CA PRO A 313 -19.05 -12.90 -20.04
C PRO A 313 -20.39 -13.60 -20.20
N GLU A 314 -20.37 -14.92 -20.17
CA GLU A 314 -21.57 -15.74 -20.22
C GLU A 314 -21.71 -16.52 -18.92
N PHE A 315 -22.94 -16.56 -18.40
CA PHE A 315 -23.23 -17.28 -17.17
C PHE A 315 -24.52 -18.05 -17.36
N GLU A 316 -24.80 -18.95 -16.41
CA GLU A 316 -25.98 -19.81 -16.48
C GLU A 316 -27.24 -19.03 -16.16
N ASN A 321 -31.46 -8.26 -15.77
CA ASN A 321 -30.85 -7.03 -15.28
C ASN A 321 -31.20 -5.86 -16.20
N SER A 322 -31.19 -4.65 -15.63
CA SER A 322 -31.47 -3.44 -16.40
C SER A 322 -30.21 -2.71 -16.86
N LYS A 323 -29.04 -3.08 -16.35
CA LYS A 323 -27.82 -2.36 -16.70
C LYS A 323 -27.13 -3.01 -17.90
N PRO A 324 -26.60 -2.21 -18.80
CA PRO A 324 -25.81 -2.77 -19.91
C PRO A 324 -24.63 -3.56 -19.37
N LYS A 325 -24.41 -4.73 -19.97
CA LYS A 325 -23.34 -5.60 -19.52
C LYS A 325 -22.00 -5.17 -20.14
N LYS A 326 -20.93 -5.39 -19.38
CA LYS A 326 -19.59 -4.98 -19.79
C LYS A 326 -18.88 -6.12 -20.50
N SER A 327 -18.26 -5.82 -21.62
CA SER A 327 -17.44 -6.77 -22.37
C SER A 327 -16.01 -6.27 -22.43
N TYR A 328 -15.11 -7.13 -22.92
CA TYR A 328 -13.69 -6.81 -22.97
C TYR A 328 -13.12 -7.20 -24.31
N ILE A 329 -11.96 -6.63 -24.62
CA ILE A 329 -11.18 -6.97 -25.81
C ILE A 329 -9.77 -7.29 -25.33
N ALA A 330 -9.47 -8.58 -25.20
CA ALA A 330 -8.13 -9.02 -24.80
C ALA A 330 -7.24 -9.06 -26.04
N THR A 331 -6.13 -8.33 -26.00
CA THR A 331 -5.24 -8.22 -27.15
C THR A 331 -3.80 -8.19 -26.67
N GLN A 332 -2.88 -8.18 -27.64
CA GLN A 332 -1.46 -8.19 -27.40
C GLN A 332 -0.91 -6.76 -27.31
N GLY A 333 0.33 -6.66 -26.84
CA GLY A 333 1.00 -5.37 -26.88
C GLY A 333 1.29 -4.96 -28.31
N CYS A 334 1.02 -3.69 -28.63
CA CYS A 334 1.12 -3.23 -30.01
C CYS A 334 2.53 -3.43 -30.55
N LEU A 335 2.61 -3.95 -31.77
CA LEU A 335 3.85 -3.93 -32.53
C LEU A 335 3.90 -2.68 -33.40
N GLN A 336 5.11 -2.30 -33.81
CA GLN A 336 5.26 -1.07 -34.59
C GLN A 336 4.38 -1.08 -35.83
N ASN A 337 4.15 -2.25 -36.41
CA ASN A 337 3.35 -2.37 -37.63
C ASN A 337 1.90 -2.74 -37.36
N THR A 338 1.45 -2.63 -36.11
CA THR A 338 0.06 -2.91 -35.77
C THR A 338 -0.62 -1.78 -35.01
N VAL A 339 0.06 -0.65 -34.81
CA VAL A 339 -0.54 0.47 -34.09
C VAL A 339 -1.73 1.02 -34.87
N ASN A 340 -1.59 1.13 -36.20
CA ASN A 340 -2.69 1.59 -37.03
C ASN A 340 -3.89 0.68 -36.89
N ASP A 341 -3.67 -0.63 -36.91
CA ASP A 341 -4.77 -1.58 -36.74
C ASP A 341 -5.36 -1.51 -35.34
N PHE A 342 -4.56 -1.13 -34.35
CA PHE A 342 -5.05 -1.03 -32.98
C PHE A 342 -6.10 0.07 -32.85
N TRP A 343 -5.81 1.25 -33.42
CA TRP A 343 -6.76 2.36 -33.32
C TRP A 343 -7.97 2.15 -34.21
N ARG A 344 -7.81 1.39 -35.31
CA ARG A 344 -8.97 1.02 -36.11
C ARG A 344 -9.94 0.17 -35.29
N MET A 345 -9.42 -0.76 -34.50
CA MET A 345 -10.27 -1.58 -33.65
C MET A 345 -10.94 -0.75 -32.56
N VAL A 346 -10.16 0.10 -31.89
CA VAL A 346 -10.72 0.94 -30.83
C VAL A 346 -11.83 1.82 -31.38
N PHE A 347 -11.59 2.45 -32.53
CA PHE A 347 -12.61 3.28 -33.15
C PHE A 347 -13.79 2.44 -33.63
N GLN A 348 -13.50 1.28 -34.22
CA GLN A 348 -14.57 0.45 -34.78
C GLN A 348 -15.47 -0.12 -33.68
N GLU A 349 -14.88 -0.57 -32.57
CA GLU A 349 -15.63 -1.15 -31.48
C GLU A 349 -16.24 -0.12 -30.54
N ASN A 350 -15.95 1.17 -30.75
CA ASN A 350 -16.49 2.24 -29.91
C ASN A 350 -15.97 2.15 -28.48
N SER A 351 -14.77 1.62 -28.31
CA SER A 351 -14.18 1.50 -26.97
C SER A 351 -13.78 2.87 -26.44
N ARG A 352 -14.07 3.10 -25.17
CA ARG A 352 -13.76 4.36 -24.52
C ARG A 352 -12.73 4.22 -23.40
N VAL A 353 -12.26 3.01 -23.13
CA VAL A 353 -11.32 2.75 -22.04
C VAL A 353 -10.32 1.70 -22.51
N ILE A 354 -9.06 1.87 -22.10
CA ILE A 354 -7.98 0.94 -22.46
C ILE A 354 -7.18 0.65 -21.20
N VAL A 355 -6.93 -0.63 -20.95
CA VAL A 355 -6.22 -1.09 -19.75
C VAL A 355 -4.89 -1.68 -20.19
N MET A 356 -3.80 -1.02 -19.84
CA MET A 356 -2.45 -1.47 -20.14
C MET A 356 -1.79 -1.91 -18.85
N THR A 357 -1.39 -3.18 -18.78
CA THR A 357 -0.82 -3.77 -17.57
C THR A 357 0.62 -4.22 -17.80
N THR A 358 1.42 -3.37 -18.45
CA THR A 358 2.81 -3.69 -18.70
C THR A 358 3.54 -2.42 -19.10
N LYS A 359 4.83 -2.38 -18.79
CA LYS A 359 5.68 -1.30 -19.27
C LYS A 359 6.04 -1.52 -20.73
N GLU A 360 6.54 -0.46 -21.37
CA GLU A 360 7.03 -0.61 -22.73
C GLU A 360 8.24 -1.53 -22.79
N VAL A 361 9.06 -1.53 -21.74
CA VAL A 361 10.23 -2.39 -21.65
C VAL A 361 10.25 -3.02 -20.26
N GLU A 362 10.55 -4.32 -20.21
CA GLU A 362 10.65 -5.05 -18.94
C GLU A 362 11.80 -6.03 -19.05
N ARG A 363 12.84 -5.83 -18.24
CA ARG A 363 14.03 -6.67 -18.27
C ARG A 363 14.80 -6.51 -19.58
N GLY A 364 14.85 -5.28 -20.08
CA GLY A 364 15.56 -5.01 -21.32
C GLY A 364 14.93 -5.63 -22.56
N LYS A 365 13.66 -6.00 -22.49
CA LYS A 365 12.95 -6.60 -23.62
C LYS A 365 11.70 -5.80 -23.91
N SER A 366 11.41 -5.61 -25.20
CA SER A 366 10.24 -4.85 -25.61
C SER A 366 8.97 -5.69 -25.42
N LYS A 367 8.00 -5.12 -24.71
CA LYS A 367 6.73 -5.79 -24.45
C LYS A 367 5.53 -5.09 -25.06
N CYS A 368 5.65 -3.81 -25.42
CA CYS A 368 4.57 -3.09 -26.07
C CYS A 368 5.07 -1.79 -26.67
N VAL A 369 4.73 -1.53 -27.92
CA VAL A 369 5.20 -0.34 -28.62
C VAL A 369 4.33 0.85 -28.26
N LYS A 370 4.96 2.01 -28.06
CA LYS A 370 4.25 3.24 -27.77
C LYS A 370 3.26 3.55 -28.88
N TYR A 371 1.97 3.46 -28.59
CA TYR A 371 0.92 3.72 -29.57
C TYR A 371 0.15 4.99 -29.28
N TRP A 372 0.63 5.83 -28.36
CA TRP A 372 -0.01 7.08 -28.00
C TRP A 372 0.97 8.22 -28.13
N PRO A 373 0.50 9.42 -28.42
CA PRO A 373 1.40 10.56 -28.58
C PRO A 373 1.83 11.13 -27.23
N ASP A 374 2.90 11.92 -27.28
CA ASP A 374 3.32 12.65 -26.09
C ASP A 374 2.20 13.57 -25.63
N GLU A 375 2.23 13.91 -24.34
CA GLU A 375 1.19 14.75 -23.76
C GLU A 375 1.09 16.06 -24.54
N TYR A 376 -0.14 16.44 -24.88
CA TYR A 376 -0.50 17.65 -25.61
C TYR A 376 -0.22 17.51 -27.11
N ALA A 377 0.42 16.43 -27.56
CA ALA A 377 0.78 16.27 -28.96
C ALA A 377 -0.38 15.66 -29.74
N LEU A 378 -0.27 15.75 -31.08
CA LEU A 378 -1.28 15.23 -31.98
C LEU A 378 -0.58 14.40 -33.05
N LYS A 379 -0.98 13.13 -33.16
CA LYS A 379 -0.40 12.22 -34.14
C LYS A 379 -1.49 11.64 -35.02
N GLU A 380 -1.09 11.17 -36.20
CA GLU A 380 -2.00 10.53 -37.15
C GLU A 380 -1.53 9.09 -37.36
N TYR A 381 -2.38 8.14 -36.99
CA TYR A 381 -2.09 6.72 -37.12
C TYR A 381 -2.93 6.17 -38.28
N GLY A 382 -2.45 6.40 -39.50
CA GLY A 382 -3.21 6.02 -40.68
C GLY A 382 -4.38 6.95 -40.90
N VAL A 383 -5.59 6.39 -40.97
CA VAL A 383 -6.79 7.21 -41.09
C VAL A 383 -7.30 7.71 -39.75
N MET A 384 -6.74 7.24 -38.64
CA MET A 384 -7.17 7.64 -37.31
C MET A 384 -6.28 8.77 -36.79
N ARG A 385 -6.89 9.70 -36.06
CA ARG A 385 -6.20 10.85 -35.49
C ARG A 385 -6.39 10.83 -33.98
N VAL A 386 -5.28 10.86 -33.24
CA VAL A 386 -5.31 10.76 -31.79
C VAL A 386 -4.56 11.96 -31.20
N ARG A 387 -5.13 12.57 -30.17
CA ARG A 387 -4.52 13.67 -29.45
C ARG A 387 -4.45 13.32 -27.97
N ASN A 388 -3.26 13.40 -27.39
CA ASN A 388 -3.07 13.17 -25.96
C ASN A 388 -3.49 14.44 -25.23
N VAL A 389 -4.72 14.45 -24.72
CA VAL A 389 -5.28 15.67 -24.15
C VAL A 389 -4.63 15.99 -22.81
N LYS A 390 -4.43 14.98 -21.96
CA LYS A 390 -3.89 15.23 -20.63
C LYS A 390 -3.43 13.91 -20.02
N GLU A 391 -2.41 14.00 -19.16
CA GLU A 391 -1.87 12.85 -18.45
C GLU A 391 -1.92 13.11 -16.96
N SER A 392 -2.50 12.19 -16.21
CA SER A 392 -2.58 12.25 -14.76
C SER A 392 -1.76 11.11 -14.18
N ALA A 393 -0.82 11.44 -13.30
CA ALA A 393 0.17 10.49 -12.81
C ALA A 393 -0.14 10.10 -11.37
N ALA A 394 -0.21 8.80 -11.12
CA ALA A 394 -0.22 8.22 -9.78
C ALA A 394 1.05 7.37 -9.62
N HIS A 395 1.15 6.66 -8.50
CA HIS A 395 2.31 5.81 -8.30
C HIS A 395 2.14 4.47 -9.04
N ASP A 396 0.94 3.92 -9.03
CA ASP A 396 0.70 2.61 -9.63
C ASP A 396 0.37 2.68 -11.11
N TYR A 397 -0.25 3.77 -11.56
CA TYR A 397 -0.71 3.85 -12.94
C TYR A 397 -0.67 5.29 -13.42
N THR A 398 -0.62 5.44 -14.74
CA THR A 398 -0.76 6.73 -15.41
C THR A 398 -2.04 6.71 -16.24
N LEU A 399 -2.75 7.84 -16.25
CA LEU A 399 -3.99 7.97 -17.01
C LEU A 399 -3.80 9.04 -18.07
N ARG A 400 -4.14 8.71 -19.31
CA ARG A 400 -4.03 9.62 -20.44
C ARG A 400 -5.40 9.82 -21.06
N GLU A 401 -5.80 11.08 -21.23
CA GLU A 401 -7.07 11.43 -21.88
C GLU A 401 -6.77 11.65 -23.35
N LEU A 402 -7.13 10.68 -24.19
CA LEU A 402 -6.88 10.73 -25.63
C LEU A 402 -8.18 11.01 -26.37
N LYS A 403 -8.09 11.85 -27.40
CA LYS A 403 -9.22 12.22 -28.24
C LYS A 403 -9.05 11.54 -29.59
N LEU A 404 -9.91 10.57 -29.87
CA LEU A 404 -9.82 9.76 -31.08
C LEU A 404 -10.81 10.26 -32.12
N SER A 405 -10.35 10.37 -33.37
CA SER A 405 -11.19 10.85 -34.46
C SER A 405 -10.68 10.29 -35.77
N LYS A 406 -11.60 10.17 -36.73
CA LYS A 406 -11.26 9.70 -38.07
C LYS A 406 -10.80 10.87 -38.92
N VAL A 407 -9.61 10.74 -39.52
CA VAL A 407 -9.08 11.81 -40.35
C VAL A 407 -10.03 12.08 -41.52
N GLY A 408 -10.26 13.36 -41.79
CA GLY A 408 -11.16 13.75 -42.85
C GLY A 408 -12.64 13.63 -42.54
N GLN A 409 -12.99 13.44 -41.27
CA GLN A 409 -14.39 13.33 -40.85
C GLN A 409 -14.56 14.06 -39.53
N GLY A 410 -15.39 15.10 -39.54
CA GLY A 410 -15.57 15.94 -38.37
C GLY A 410 -16.35 15.31 -37.23
N ASN A 411 -17.49 14.68 -37.52
CA ASN A 411 -18.39 14.16 -36.49
C ASN A 411 -18.05 12.72 -36.12
N THR A 412 -16.77 12.47 -35.81
CA THR A 412 -16.32 11.13 -35.43
C THR A 412 -15.48 11.12 -34.15
N GLU A 413 -15.28 12.27 -33.52
CA GLU A 413 -14.40 12.37 -32.37
C GLU A 413 -15.05 11.78 -31.12
N ARG A 414 -14.21 11.17 -30.28
CA ARG A 414 -14.63 10.65 -28.98
C ARG A 414 -13.41 10.53 -28.10
N THR A 415 -13.63 10.59 -26.78
CA THR A 415 -12.55 10.51 -25.81
C THR A 415 -12.28 9.06 -25.46
N VAL A 416 -10.98 8.73 -25.33
CA VAL A 416 -10.54 7.40 -24.97
C VAL A 416 -9.57 7.53 -23.80
N TRP A 417 -9.89 6.85 -22.69
CA TRP A 417 -9.12 6.96 -21.46
C TRP A 417 -8.22 5.74 -21.33
N GLN A 418 -6.90 5.97 -21.38
CA GLN A 418 -5.91 4.91 -21.31
C GLN A 418 -5.37 4.83 -19.88
N TYR A 419 -5.63 3.70 -19.23
CA TYR A 419 -5.11 3.44 -17.89
C TYR A 419 -3.90 2.51 -18.03
N HIS A 420 -2.72 3.01 -17.67
CA HIS A 420 -1.46 2.31 -17.89
C HIS A 420 -0.88 1.92 -16.52
N PHE A 421 -1.13 0.68 -16.11
CA PHE A 421 -0.57 0.17 -14.87
C PHE A 421 0.91 -0.11 -15.06
N ARG A 422 1.73 0.44 -14.15
CA ARG A 422 3.18 0.39 -14.30
C ARG A 422 3.92 -0.32 -13.17
N THR A 423 3.23 -0.73 -12.11
CA THR A 423 3.89 -1.32 -10.95
C THR A 423 3.67 -2.82 -10.83
N TRP A 424 3.30 -3.48 -11.92
CA TRP A 424 3.20 -4.94 -11.89
C TRP A 424 4.59 -5.54 -11.90
N PRO A 425 4.88 -6.50 -11.02
CA PRO A 425 6.24 -7.06 -10.96
C PRO A 425 6.62 -7.75 -12.26
N ASP A 426 7.92 -7.75 -12.55
CA ASP A 426 8.41 -8.42 -13.75
C ASP A 426 7.99 -9.88 -13.77
N HIS A 427 8.10 -10.56 -12.63
CA HIS A 427 7.71 -11.95 -12.49
C HIS A 427 6.63 -12.09 -11.44
N GLY A 428 5.81 -13.13 -11.59
CA GLY A 428 4.78 -13.41 -10.60
C GLY A 428 3.69 -12.34 -10.59
N VAL A 429 3.10 -12.15 -9.40
CA VAL A 429 2.00 -11.21 -9.23
C VAL A 429 2.29 -10.37 -8.00
N PRO A 430 1.58 -9.25 -7.85
CA PRO A 430 1.77 -8.41 -6.66
C PRO A 430 1.50 -9.18 -5.38
N SER A 431 2.22 -8.81 -4.32
CA SER A 431 2.03 -9.46 -3.03
C SER A 431 0.70 -9.08 -2.40
N ASP A 432 0.18 -7.90 -2.73
CA ASP A 432 -1.08 -7.42 -2.18
C ASP A 432 -1.96 -6.91 -3.32
N PRO A 433 -3.24 -7.28 -3.36
CA PRO A 433 -4.12 -6.82 -4.43
C PRO A 433 -4.61 -5.38 -4.28
N GLY A 434 -4.13 -4.66 -3.26
CA GLY A 434 -4.58 -3.30 -3.00
C GLY A 434 -4.50 -2.39 -4.21
N GLY A 435 -3.30 -2.22 -4.76
CA GLY A 435 -3.14 -1.32 -5.89
C GLY A 435 -3.98 -1.73 -7.09
N VAL A 436 -4.05 -3.03 -7.37
CA VAL A 436 -4.79 -3.50 -8.53
C VAL A 436 -6.28 -3.21 -8.38
N LEU A 437 -6.80 -3.29 -7.16
CA LEU A 437 -8.23 -3.07 -6.95
C LEU A 437 -8.60 -1.60 -7.09
N ASP A 438 -7.85 -0.72 -6.42
CA ASP A 438 -8.05 0.71 -6.62
C ASP A 438 -7.91 1.08 -8.08
N PHE A 439 -7.00 0.42 -8.80
CA PHE A 439 -6.84 0.66 -10.23
C PHE A 439 -8.09 0.24 -10.99
N LEU A 440 -8.56 -0.99 -10.78
N LEU A 440 -8.58 -0.97 -10.77
CA LEU A 440 -9.74 -1.48 -11.48
CA LEU A 440 -9.72 -1.46 -11.52
C LEU A 440 -10.98 -0.68 -11.11
C LEU A 440 -11.02 -0.77 -11.09
N GLU A 441 -11.09 -0.29 -9.84
CA GLU A 441 -12.27 0.45 -9.40
C GLU A 441 -12.42 1.75 -10.18
N GLU A 442 -11.32 2.45 -10.42
CA GLU A 442 -11.36 3.65 -11.25
C GLU A 442 -11.72 3.31 -12.70
N VAL A 443 -11.13 2.24 -13.23
CA VAL A 443 -11.43 1.83 -14.60
C VAL A 443 -12.92 1.51 -14.74
N HIS A 444 -13.50 0.89 -13.71
CA HIS A 444 -14.92 0.54 -13.76
C HIS A 444 -15.80 1.79 -13.75
N HIS A 445 -15.40 2.81 -12.99
CA HIS A 445 -16.23 4.00 -12.86
C HIS A 445 -16.14 4.92 -14.07
N LYS A 446 -15.00 4.92 -14.76
CA LYS A 446 -14.90 5.67 -16.01
C LYS A 446 -15.78 5.04 -17.09
N GLN A 447 -15.79 3.71 -17.17
CA GLN A 447 -16.64 3.02 -18.14
C GLN A 447 -18.11 3.27 -17.86
N GLU A 448 -18.52 3.06 -16.60
CA GLU A 448 -19.93 3.22 -16.25
C GLU A 448 -20.43 4.63 -16.53
N SER A 449 -19.53 5.63 -16.51
CA SER A 449 -19.95 7.02 -16.66
C SER A 449 -20.15 7.42 -18.11
N ILE A 450 -19.59 6.69 -19.06
CA ILE A 450 -19.69 7.03 -20.48
C ILE A 450 -20.83 6.24 -21.10
N MET A 451 -21.86 6.94 -21.57
CA MET A 451 -22.99 6.29 -22.19
C MET A 451 -22.57 5.66 -23.52
N ASP A 452 -23.05 4.44 -23.78
CA ASP A 452 -22.82 3.72 -25.02
C ASP A 452 -21.37 3.29 -25.20
N ALA A 453 -20.60 3.24 -24.11
CA ALA A 453 -19.20 2.83 -24.22
C ALA A 453 -19.10 1.39 -24.70
N GLY A 454 -18.19 1.16 -25.64
CA GLY A 454 -17.97 -0.16 -26.18
C GLY A 454 -17.18 -1.05 -25.24
N PRO A 455 -16.62 -2.13 -25.78
CA PRO A 455 -15.84 -3.04 -24.93
C PRO A 455 -14.63 -2.35 -24.33
N VAL A 456 -14.19 -2.84 -23.18
CA VAL A 456 -13.01 -2.33 -22.51
C VAL A 456 -11.79 -3.06 -23.05
N VAL A 457 -10.89 -2.31 -23.68
CA VAL A 457 -9.68 -2.90 -24.25
C VAL A 457 -8.67 -3.14 -23.14
N VAL A 458 -8.26 -4.41 -22.99
CA VAL A 458 -7.27 -4.80 -21.99
C VAL A 458 -6.17 -5.56 -22.71
N HIS A 459 -4.95 -5.07 -22.62
CA HIS A 459 -3.81 -5.68 -23.29
C HIS A 459 -2.64 -5.80 -22.31
N CYS A 460 -1.64 -6.56 -22.73
CA CYS A 460 -0.48 -6.85 -21.89
C CYS A 460 0.75 -7.03 -22.77
N SER A 461 1.41 -8.18 -22.68
CA SER A 461 2.48 -8.52 -23.61
C SER A 461 1.93 -9.49 -24.64
N ALA A 462 1.68 -10.73 -24.22
CA ALA A 462 0.98 -11.68 -25.07
C ALA A 462 -0.53 -11.54 -24.97
N GLY A 463 -1.02 -10.88 -23.92
CA GLY A 463 -2.45 -10.64 -23.78
C GLY A 463 -3.24 -11.84 -23.30
N ILE A 464 -2.66 -12.67 -22.45
CA ILE A 464 -3.34 -13.88 -21.96
C ILE A 464 -3.09 -14.03 -20.46
N GLY A 465 -1.87 -13.73 -20.02
CA GLY A 465 -1.53 -13.87 -18.62
C GLY A 465 -2.09 -12.77 -17.76
N ARG A 466 -1.43 -11.61 -17.74
CA ARG A 466 -1.92 -10.49 -16.94
C ARG A 466 -3.28 -10.00 -17.44
N THR A 467 -3.46 -9.94 -18.76
CA THR A 467 -4.73 -9.49 -19.30
C THR A 467 -5.87 -10.41 -18.86
N GLY A 468 -5.60 -11.69 -18.68
CA GLY A 468 -6.60 -12.63 -18.23
C GLY A 468 -6.91 -12.48 -16.76
N THR A 469 -5.88 -12.22 -15.95
CA THR A 469 -6.09 -12.04 -14.52
C THR A 469 -6.93 -10.79 -14.24
N PHE A 470 -6.66 -9.71 -14.97
N PHE A 470 -6.68 -9.71 -14.98
CA PHE A 470 -7.43 -8.48 -14.78
CA PHE A 470 -7.45 -8.49 -14.75
C PHE A 470 -8.89 -8.69 -15.16
C PHE A 470 -8.91 -8.67 -15.16
N ILE A 471 -9.14 -9.18 -16.37
CA ILE A 471 -10.51 -9.35 -16.84
C ILE A 471 -11.28 -10.29 -15.93
N VAL A 472 -10.65 -11.39 -15.50
CA VAL A 472 -11.32 -12.33 -14.61
C VAL A 472 -11.65 -11.67 -13.29
N ILE A 473 -10.71 -10.91 -12.74
CA ILE A 473 -10.96 -10.23 -11.47
C ILE A 473 -12.05 -9.19 -11.64
N ASP A 474 -12.07 -8.49 -12.77
CA ASP A 474 -13.11 -7.49 -13.02
C ASP A 474 -14.48 -8.14 -13.16
N ILE A 475 -14.56 -9.26 -13.89
CA ILE A 475 -15.84 -9.94 -14.07
C ILE A 475 -16.37 -10.44 -12.74
N LEU A 476 -15.48 -10.91 -11.87
CA LEU A 476 -15.92 -11.55 -10.63
C LEU A 476 -16.49 -10.53 -9.66
N ILE A 477 -15.89 -9.35 -9.56
CA ILE A 477 -16.41 -8.34 -8.65
C ILE A 477 -17.60 -7.59 -9.24
N ASP A 478 -17.71 -7.51 -10.56
CA ASP A 478 -18.91 -6.93 -11.17
C ASP A 478 -20.14 -7.73 -10.80
N ILE A 479 -20.00 -9.06 -10.70
CA ILE A 479 -21.10 -9.89 -10.23
C ILE A 479 -21.49 -9.49 -8.82
N ILE A 480 -20.50 -9.30 -7.95
CA ILE A 480 -20.77 -8.86 -6.59
C ILE A 480 -21.37 -7.46 -6.59
N ARG A 481 -20.92 -6.61 -7.51
CA ARG A 481 -21.45 -5.25 -7.59
C ARG A 481 -22.96 -5.25 -7.77
N GLU A 482 -23.48 -6.18 -8.58
CA GLU A 482 -24.88 -6.13 -8.98
C GLU A 482 -25.79 -7.01 -8.14
N LYS A 483 -25.24 -8.00 -7.43
CA LYS A 483 -26.06 -8.89 -6.62
C LYS A 483 -25.82 -8.75 -5.12
N GLY A 484 -24.71 -8.18 -4.70
CA GLY A 484 -24.39 -8.03 -3.30
C GLY A 484 -23.45 -9.10 -2.80
N VAL A 485 -23.05 -8.94 -1.54
CA VAL A 485 -22.13 -9.89 -0.93
C VAL A 485 -22.72 -11.29 -0.89
N ASP A 486 -24.06 -11.39 -0.89
CA ASP A 486 -24.74 -12.68 -0.85
C ASP A 486 -25.10 -13.10 -2.27
N CYS A 487 -24.10 -13.64 -2.96
CA CYS A 487 -24.29 -14.15 -4.32
C CYS A 487 -23.31 -15.30 -4.54
N ASP A 488 -23.55 -16.06 -5.60
CA ASP A 488 -22.74 -17.22 -5.92
C ASP A 488 -21.70 -16.86 -6.98
N ILE A 489 -20.46 -17.27 -6.73
CA ILE A 489 -19.37 -17.08 -7.67
C ILE A 489 -18.64 -18.40 -7.85
N ASP A 490 -18.06 -18.60 -9.03
CA ASP A 490 -17.35 -19.83 -9.38
C ASP A 490 -16.08 -19.43 -10.14
N VAL A 491 -14.98 -19.26 -9.42
CA VAL A 491 -13.72 -18.86 -10.04
C VAL A 491 -13.32 -19.81 -11.16
N PRO A 492 -13.20 -21.12 -10.93
CA PRO A 492 -12.81 -22.01 -12.05
C PRO A 492 -13.78 -21.99 -13.20
N LYS A 493 -15.09 -22.05 -12.92
CA LYS A 493 -16.06 -22.04 -14.01
C LYS A 493 -15.98 -20.74 -14.80
N THR A 494 -15.64 -19.63 -14.16
CA THR A 494 -15.51 -18.36 -14.86
C THR A 494 -14.26 -18.36 -15.74
N ILE A 495 -13.13 -18.83 -15.21
CA ILE A 495 -11.90 -18.86 -16.00
C ILE A 495 -12.08 -19.74 -17.22
N GLN A 496 -12.64 -20.94 -17.02
CA GLN A 496 -12.90 -21.82 -18.15
C GLN A 496 -13.75 -21.14 -19.21
N MET A 497 -14.79 -20.41 -18.78
CA MET A 497 -15.65 -19.70 -19.73
C MET A 497 -14.88 -18.66 -20.50
N VAL A 498 -13.91 -18.00 -19.86
CA VAL A 498 -13.12 -16.98 -20.55
C VAL A 498 -12.06 -17.62 -21.43
N ARG A 499 -11.51 -18.77 -21.04
CA ARG A 499 -10.50 -19.42 -21.84
C ARG A 499 -11.02 -19.92 -23.18
N SER A 500 -12.33 -20.18 -23.27
CA SER A 500 -12.92 -20.57 -24.54
C SER A 500 -13.06 -19.41 -25.52
N GLN A 501 -12.66 -18.20 -25.11
CA GLN A 501 -12.71 -17.02 -25.97
C GLN A 501 -11.35 -16.44 -26.30
N ARG A 502 -10.30 -16.81 -25.58
CA ARG A 502 -8.93 -16.47 -25.95
C ARG A 502 -8.00 -17.48 -25.27
N SER A 503 -6.99 -17.92 -26.01
CA SER A 503 -6.17 -19.03 -25.55
C SER A 503 -5.42 -18.71 -24.27
N GLY A 504 -5.65 -19.51 -23.24
CA GLY A 504 -4.82 -19.47 -22.05
C GLY A 504 -5.02 -18.28 -21.13
N MET A 505 -6.24 -17.76 -21.04
CA MET A 505 -6.51 -16.68 -20.11
C MET A 505 -6.19 -17.13 -18.68
N VAL A 506 -5.42 -16.33 -17.97
CA VAL A 506 -4.89 -16.72 -16.67
C VAL A 506 -3.88 -17.84 -16.89
N GLN A 507 -2.59 -17.52 -16.70
CA GLN A 507 -1.52 -18.43 -17.08
C GLN A 507 -1.13 -19.38 -15.94
N THR A 508 -0.66 -18.84 -14.83
CA THR A 508 -0.06 -19.62 -13.77
C THR A 508 -1.01 -19.81 -12.60
N GLU A 509 -0.58 -20.63 -11.64
CA GLU A 509 -1.33 -20.81 -10.40
C GLU A 509 -1.17 -19.62 -9.46
N ALA A 510 -0.05 -18.89 -9.56
CA ALA A 510 0.12 -17.68 -8.76
C ALA A 510 -0.94 -16.65 -9.12
N GLN A 511 -1.19 -16.45 -10.41
CA GLN A 511 -2.29 -15.58 -10.82
C GLN A 511 -3.63 -16.14 -10.36
N TYR A 512 -3.73 -17.47 -10.23
CA TYR A 512 -4.96 -18.08 -9.74
C TYR A 512 -5.22 -17.68 -8.28
N ARG A 513 -4.27 -17.98 -7.39
CA ARG A 513 -4.40 -17.56 -6.00
C ARG A 513 -4.63 -16.06 -5.90
N PHE A 514 -3.94 -15.28 -6.74
CA PHE A 514 -4.11 -13.83 -6.71
C PHE A 514 -5.54 -13.43 -7.04
N ILE A 515 -6.23 -14.20 -7.89
CA ILE A 515 -7.62 -13.91 -8.19
C ILE A 515 -8.49 -14.10 -6.95
N TYR A 516 -8.31 -15.22 -6.25
CA TYR A 516 -9.02 -15.43 -5.00
C TYR A 516 -8.68 -14.34 -3.98
N MET A 517 -7.40 -13.98 -3.88
CA MET A 517 -7.00 -12.93 -2.96
C MET A 517 -7.66 -11.61 -3.29
N ALA A 518 -7.83 -11.32 -4.59
CA ALA A 518 -8.46 -10.07 -4.99
C ALA A 518 -9.94 -10.06 -4.62
N VAL A 519 -10.68 -11.11 -4.98
CA VAL A 519 -12.09 -11.17 -4.65
C VAL A 519 -12.28 -11.13 -3.14
N GLN A 520 -11.38 -11.75 -2.39
CA GLN A 520 -11.49 -11.74 -0.93
C GLN A 520 -11.24 -10.35 -0.37
N HIS A 521 -10.21 -9.66 -0.86
CA HIS A 521 -9.89 -8.33 -0.36
C HIS A 521 -11.01 -7.33 -0.68
N TYR A 522 -11.49 -7.34 -1.92
CA TYR A 522 -12.56 -6.43 -2.30
C TYR A 522 -13.77 -6.58 -1.40
N ILE A 523 -14.05 -7.80 -0.94
CA ILE A 523 -15.22 -8.02 -0.10
C ILE A 523 -14.99 -7.49 1.31
N GLU A 524 -13.74 -7.51 1.78
CA GLU A 524 -13.44 -7.06 3.14
C GLU A 524 -13.51 -5.54 3.26
N THR A 525 -13.43 -4.80 2.16
CA THR A 525 -13.47 -3.35 2.18
C THR A 525 -14.88 -2.81 1.93
N LEU A 526 -15.91 -3.62 2.15
CA LEU A 526 -17.29 -3.17 2.01
C LEU A 526 -17.95 -3.04 3.38
N THR B 3 14.45 33.28 17.43
CA THR B 3 14.67 34.71 17.21
C THR B 3 13.44 35.53 17.61
N SER B 4 12.46 35.58 16.72
CA SER B 4 11.28 36.40 16.96
C SER B 4 9.99 35.62 16.71
N ARG B 5 9.73 35.28 15.46
CA ARG B 5 8.46 34.69 15.03
C ARG B 5 7.28 35.62 15.28
N ARG B 6 7.55 36.92 15.41
CA ARG B 6 6.48 37.89 15.60
C ARG B 6 5.68 38.15 14.33
N TRP B 7 6.10 37.58 13.20
CA TRP B 7 5.36 37.71 11.96
C TRP B 7 4.11 36.86 11.91
N PHE B 8 3.85 36.06 12.95
CA PHE B 8 2.67 35.20 13.01
C PHE B 8 1.59 35.90 13.82
N HIS B 9 0.44 36.16 13.18
CA HIS B 9 -0.70 36.76 13.84
C HIS B 9 -1.79 35.72 14.02
N PRO B 10 -2.11 35.31 15.24
CA PRO B 10 -3.03 34.18 15.43
C PRO B 10 -4.51 34.53 15.50
N ASN B 11 -4.88 35.81 15.53
CA ASN B 11 -6.26 36.19 15.81
C ASN B 11 -6.88 37.09 14.74
N ILE B 12 -6.23 37.27 13.59
CA ILE B 12 -6.69 38.23 12.60
C ILE B 12 -7.36 37.51 11.45
N THR B 13 -8.17 38.25 10.69
CA THR B 13 -8.83 37.75 9.50
C THR B 13 -8.00 38.07 8.27
N GLY B 14 -8.45 37.58 7.11
CA GLY B 14 -7.75 37.90 5.87
C GLY B 14 -7.86 39.37 5.50
N VAL B 15 -9.03 39.97 5.72
CA VAL B 15 -9.20 41.38 5.43
C VAL B 15 -8.40 42.23 6.42
N GLU B 16 -8.40 41.83 7.69
CA GLU B 16 -7.59 42.54 8.68
C GLU B 16 -6.10 42.46 8.34
N ALA B 17 -5.66 41.34 7.76
CA ALA B 17 -4.27 41.22 7.36
C ALA B 17 -3.96 42.14 6.18
N GLU B 18 -4.89 42.25 5.23
CA GLU B 18 -4.69 43.15 4.10
C GLU B 18 -4.48 44.59 4.58
N ASN B 19 -5.35 45.05 5.49
CA ASN B 19 -5.24 46.42 5.99
C ASN B 19 -3.87 46.66 6.63
N LEU B 20 -3.45 45.75 7.51
CA LEU B 20 -2.16 45.90 8.18
C LEU B 20 -1.03 46.10 7.17
N LEU B 21 -0.95 45.20 6.18
CA LEU B 21 0.13 45.28 5.21
C LEU B 21 0.09 46.56 4.40
N LEU B 22 -1.11 47.09 4.12
CA LEU B 22 -1.23 48.27 3.28
C LEU B 22 -0.89 49.54 4.04
N THR B 23 -1.28 49.64 5.31
CA THR B 23 -1.09 50.85 6.09
C THR B 23 0.15 50.82 6.98
N ARG B 24 0.40 49.71 7.67
CA ARG B 24 1.53 49.59 8.58
C ARG B 24 2.68 48.78 7.99
N GLY B 25 2.75 48.69 6.66
CA GLY B 25 3.81 47.95 6.00
C GLY B 25 4.15 48.55 4.66
N VAL B 26 5.21 48.02 4.06
CA VAL B 26 5.68 48.45 2.74
C VAL B 26 5.83 47.22 1.86
N ASP B 27 6.13 47.47 0.59
CA ASP B 27 6.36 46.38 -0.35
C ASP B 27 7.47 45.47 0.16
N GLY B 28 7.17 44.18 0.23
CA GLY B 28 8.06 43.20 0.81
C GLY B 28 7.65 42.76 2.20
N SER B 29 6.80 43.52 2.88
CA SER B 29 6.32 43.12 4.20
C SER B 29 5.45 41.88 4.09
N PHE B 30 5.53 41.02 5.10
CA PHE B 30 4.84 39.73 5.05
C PHE B 30 4.39 39.36 6.45
N LEU B 31 3.56 38.32 6.52
CA LEU B 31 3.10 37.76 7.79
C LEU B 31 2.44 36.42 7.51
N ALA B 32 2.12 35.70 8.58
CA ALA B 32 1.43 34.43 8.49
C ALA B 32 0.34 34.39 9.57
N ARG B 33 -0.69 33.61 9.30
CA ARG B 33 -1.86 33.56 10.18
C ARG B 33 -2.55 32.22 10.00
N PRO B 34 -3.38 31.80 10.95
CA PRO B 34 -4.23 30.63 10.72
C PRO B 34 -5.24 30.92 9.63
N SER B 35 -5.86 29.86 9.12
CA SER B 35 -6.84 29.96 8.04
C SER B 35 -8.23 29.93 8.64
N LYS B 36 -8.97 31.04 8.50
CA LYS B 36 -10.35 31.09 8.96
C LYS B 36 -11.30 30.44 7.96
N SER B 37 -11.03 30.58 6.66
CA SER B 37 -11.86 29.94 5.65
C SER B 37 -11.69 28.43 5.65
N ASN B 38 -10.57 27.92 6.14
CA ASN B 38 -10.32 26.47 6.19
C ASN B 38 -9.50 26.17 7.43
N PRO B 39 -10.15 26.00 8.57
CA PRO B 39 -9.42 25.71 9.81
C PRO B 39 -8.48 24.53 9.63
N GLY B 40 -7.35 24.59 10.34
CA GLY B 40 -6.28 23.63 10.17
C GLY B 40 -5.20 24.06 9.19
N ASP B 41 -5.52 24.95 8.26
CA ASP B 41 -4.56 25.48 7.31
C ASP B 41 -4.06 26.84 7.76
N PHE B 42 -3.09 27.37 7.03
CA PHE B 42 -2.51 28.68 7.31
C PHE B 42 -2.39 29.46 6.00
N THR B 43 -2.10 30.75 6.13
CA THR B 43 -2.02 31.64 4.97
C THR B 43 -0.83 32.57 5.13
N LEU B 44 -0.07 32.72 4.06
CA LEU B 44 1.09 33.61 4.01
C LEU B 44 0.72 34.81 3.14
N SER B 45 0.34 35.91 3.78
CA SER B 45 -0.05 37.12 3.07
C SER B 45 1.16 38.02 2.88
N VAL B 46 1.42 38.42 1.64
CA VAL B 46 2.57 39.25 1.30
C VAL B 46 2.08 40.47 0.52
N ARG B 47 2.90 41.52 0.55
CA ARG B 47 2.62 42.76 -0.18
C ARG B 47 3.63 42.90 -1.32
N ARG B 48 3.12 43.10 -2.53
CA ARG B 48 3.95 43.24 -3.72
C ARG B 48 3.32 44.26 -4.65
N ASN B 49 4.05 45.34 -4.92
CA ASN B 49 3.58 46.38 -5.84
C ASN B 49 2.27 46.98 -5.35
N GLY B 50 2.24 47.35 -4.07
CA GLY B 50 1.04 47.93 -3.49
C GLY B 50 -0.15 47.01 -3.41
N ALA B 51 0.03 45.72 -3.68
CA ALA B 51 -1.04 44.74 -3.60
C ALA B 51 -0.66 43.65 -2.60
N VAL B 52 -1.66 42.85 -2.22
CA VAL B 52 -1.50 41.80 -1.22
C VAL B 52 -1.81 40.46 -1.88
N THR B 53 -0.85 39.54 -1.83
CA THR B 53 -1.00 38.19 -2.33
C THR B 53 -1.16 37.23 -1.16
N HIS B 54 -2.14 36.35 -1.24
CA HIS B 54 -2.42 35.38 -0.19
C HIS B 54 -2.10 33.99 -0.71
N ILE B 55 -1.11 33.34 -0.08
CA ILE B 55 -0.68 32.00 -0.45
C ILE B 55 -1.12 31.04 0.66
N LYS B 56 -1.78 29.96 0.27
CA LYS B 56 -2.31 29.01 1.25
C LYS B 56 -1.24 28.01 1.68
N ILE B 57 -1.32 27.60 2.94
CA ILE B 57 -0.45 26.57 3.49
C ILE B 57 -1.33 25.46 4.05
N GLN B 58 -0.99 24.22 3.70
CA GLN B 58 -1.76 23.05 4.10
C GLN B 58 -0.90 22.13 4.95
N ASN B 59 -1.48 21.61 6.03
CA ASN B 59 -0.79 20.67 6.91
C ASN B 59 -1.83 19.74 7.52
N THR B 60 -1.95 18.53 6.97
CA THR B 60 -2.85 17.52 7.49
C THR B 60 -2.19 16.62 8.51
N GLY B 61 -0.88 16.76 8.75
CA GLY B 61 -0.20 15.97 9.75
C GLY B 61 1.21 15.57 9.38
N ASP B 62 1.56 15.66 8.10
CA ASP B 62 2.87 15.25 7.61
C ASP B 62 3.85 16.39 7.46
N TYR B 63 3.40 17.56 7.01
CA TYR B 63 4.30 18.66 6.73
C TYR B 63 3.48 19.90 6.41
N TYR B 64 4.16 21.05 6.38
CA TYR B 64 3.56 22.30 5.95
C TYR B 64 3.74 22.44 4.44
N ASP B 65 2.64 22.42 3.70
CA ASP B 65 2.67 22.45 2.24
C ASP B 65 2.27 23.85 1.78
N LEU B 66 3.25 24.62 1.32
CA LEU B 66 3.02 25.96 0.80
C LEU B 66 2.66 25.88 -0.67
N TYR B 67 1.49 26.39 -1.03
CA TYR B 67 1.06 26.35 -2.42
C TYR B 67 2.09 27.05 -3.31
N GLY B 68 2.47 26.38 -4.39
CA GLY B 68 3.39 26.96 -5.35
C GLY B 68 4.79 27.01 -4.80
N GLY B 69 4.97 26.41 -3.63
CA GLY B 69 6.24 26.45 -2.92
C GLY B 69 6.77 25.07 -2.59
N GLU B 70 7.45 24.94 -1.46
CA GLU B 70 8.02 23.68 -1.02
C GLU B 70 7.35 23.25 0.29
N LYS B 71 7.68 22.04 0.72
CA LYS B 71 7.16 21.46 1.94
C LYS B 71 8.19 21.61 3.05
N PHE B 72 7.75 22.18 4.17
CA PHE B 72 8.63 22.50 5.29
C PHE B 72 8.14 21.81 6.56
N ALA B 73 9.05 21.69 7.53
CA ALA B 73 8.75 21.08 8.83
C ALA B 73 8.10 22.04 9.81
N THR B 74 8.47 23.32 9.77
CA THR B 74 7.88 24.33 10.64
C THR B 74 7.69 25.62 9.86
N LEU B 75 6.74 26.44 10.34
CA LEU B 75 6.52 27.73 9.71
C LEU B 75 7.75 28.63 9.83
N ALA B 76 8.54 28.45 10.88
CA ALA B 76 9.76 29.23 11.04
C ALA B 76 10.80 28.83 9.99
N GLU B 77 11.03 27.53 9.83
CA GLU B 77 11.97 27.08 8.80
C GLU B 77 11.50 27.47 7.40
N LEU B 78 10.18 27.60 7.22
CA LEU B 78 9.66 28.10 5.94
C LEU B 78 10.03 29.56 5.75
N VAL B 79 9.75 30.41 6.75
CA VAL B 79 10.03 31.83 6.64
C VAL B 79 11.53 32.06 6.45
N GLN B 80 12.35 31.36 7.24
CA GLN B 80 13.79 31.53 7.14
C GLN B 80 14.31 31.10 5.78
N TYR B 81 13.74 30.03 5.22
CA TYR B 81 14.24 29.51 3.94
C TYR B 81 14.07 30.54 2.83
N TYR B 82 12.88 31.13 2.72
CA TYR B 82 12.59 32.07 1.65
C TYR B 82 13.17 33.45 1.90
N MET B 83 13.58 33.75 3.13
CA MET B 83 14.22 35.02 3.42
C MET B 83 15.71 35.01 3.11
N GLU B 84 16.27 33.87 2.71
CA GLU B 84 17.69 33.77 2.40
C GLU B 84 17.92 32.83 1.23
N HIS B 85 17.82 31.51 1.45
CA HIS B 85 17.91 30.53 0.38
C HIS B 85 16.64 30.56 -0.46
N HIS B 86 16.16 31.76 -0.76
CA HIS B 86 14.89 31.93 -1.45
C HIS B 86 14.79 30.99 -2.65
N GLY B 87 14.06 29.89 -2.51
CA GLY B 87 13.69 29.09 -3.67
C GLY B 87 12.79 29.92 -4.56
N GLN B 88 13.22 31.15 -4.84
CA GLN B 88 12.43 32.24 -5.39
C GLN B 88 10.94 31.91 -5.38
N LEU B 89 10.31 32.03 -4.22
CA LEU B 89 8.88 31.78 -4.10
C LEU B 89 8.15 32.54 -5.20
N LYS B 90 7.74 31.81 -6.24
CA LYS B 90 7.17 32.41 -7.44
C LYS B 90 5.66 32.28 -7.44
N GLU B 91 5.00 33.28 -8.01
CA GLU B 91 3.57 33.20 -8.26
C GLU B 91 3.23 32.15 -9.30
N LYS B 92 4.22 31.42 -9.81
CA LYS B 92 4.02 30.40 -10.84
C LYS B 92 3.73 31.03 -12.19
N ASN B 93 2.97 32.12 -12.18
CA ASN B 93 2.63 32.85 -13.40
C ASN B 93 3.08 34.31 -13.33
N GLY B 94 2.61 35.06 -12.34
CA GLY B 94 2.97 36.45 -12.21
C GLY B 94 4.47 36.70 -12.17
N ASP B 95 5.12 36.26 -11.09
CA ASP B 95 6.55 36.53 -10.92
C ASP B 95 7.08 36.01 -9.59
N VAL B 96 8.24 36.51 -9.19
CA VAL B 96 8.86 36.13 -7.93
C VAL B 96 8.25 36.94 -6.80
N ILE B 97 8.06 36.31 -5.65
CA ILE B 97 7.50 36.95 -4.46
C ILE B 97 8.60 37.01 -3.40
N GLU B 98 8.80 38.20 -2.83
CA GLU B 98 9.87 38.44 -1.87
C GLU B 98 9.32 38.56 -0.46
N LEU B 99 10.01 37.94 0.50
CA LEU B 99 9.70 38.07 1.91
C LEU B 99 10.77 38.97 2.51
N LYS B 100 10.47 40.27 2.57
CA LYS B 100 11.45 41.27 2.95
C LYS B 100 11.36 41.64 4.43
N TYR B 101 10.27 42.26 4.84
CA TYR B 101 10.12 42.81 6.19
C TYR B 101 8.97 42.12 6.91
N PRO B 102 9.22 41.42 8.02
CA PRO B 102 8.11 40.86 8.79
C PRO B 102 7.28 41.97 9.44
N LEU B 103 5.96 41.81 9.38
CA LEU B 103 5.04 42.71 10.06
C LEU B 103 4.76 42.15 11.44
N ASN B 104 5.35 42.76 12.47
CA ASN B 104 5.28 42.20 13.81
C ASN B 104 3.87 42.28 14.37
N CYS B 105 3.51 41.27 15.15
CA CYS B 105 2.22 41.21 15.83
C CYS B 105 2.40 41.61 17.29
N ALA B 106 1.51 42.47 17.79
CA ALA B 106 1.55 42.91 19.17
C ALA B 106 0.70 42.04 20.09
N ASP B 107 -0.08 41.13 19.55
CA ASP B 107 -0.94 40.26 20.34
C ASP B 107 -0.09 39.40 21.29
N PRO B 108 -0.26 39.52 22.60
CA PRO B 108 0.44 38.65 23.55
C PRO B 108 -0.24 37.30 23.80
N THR B 109 -1.24 36.94 23.00
CA THR B 109 -2.06 35.77 23.30
C THR B 109 -1.23 34.51 23.42
N SER B 110 -0.19 34.37 22.59
CA SER B 110 0.61 33.15 22.54
C SER B 110 1.91 33.27 23.32
N GLU B 111 2.00 34.22 24.25
CA GLU B 111 3.17 34.32 25.10
C GLU B 111 3.08 33.32 26.24
N ARG B 112 4.22 32.71 26.58
CA ARG B 112 4.22 31.69 27.62
C ARG B 112 3.82 32.27 28.97
N TRP B 113 4.11 33.54 29.22
CA TRP B 113 3.83 34.18 30.50
C TRP B 113 2.50 34.92 30.52
N PHE B 114 1.71 34.83 29.45
CA PHE B 114 0.43 35.51 29.36
C PHE B 114 -0.69 34.52 29.61
N HIS B 115 -1.49 34.78 30.65
CA HIS B 115 -2.61 33.92 31.01
C HIS B 115 -3.96 34.62 30.81
N GLY B 116 -3.99 35.68 30.02
CA GLY B 116 -5.26 36.31 29.68
C GLY B 116 -6.06 36.69 30.89
N HIS B 117 -7.36 36.35 30.87
CA HIS B 117 -8.28 36.70 31.94
C HIS B 117 -8.10 35.74 33.12
N LEU B 118 -6.97 35.90 33.80
CA LEU B 118 -6.70 35.21 35.05
C LEU B 118 -7.02 36.12 36.22
N SER B 119 -7.74 35.59 37.21
CA SER B 119 -8.10 36.39 38.37
C SER B 119 -6.91 36.50 39.32
N GLY B 120 -6.97 37.53 40.17
CA GLY B 120 -5.88 37.79 41.09
C GLY B 120 -5.68 36.65 42.08
N LYS B 121 -6.77 36.12 42.63
CA LYS B 121 -6.66 35.03 43.60
C LYS B 121 -6.30 33.71 42.95
N GLU B 122 -6.77 33.46 41.73
CA GLU B 122 -6.34 32.27 41.00
C GLU B 122 -4.89 32.39 40.55
N ALA B 123 -4.38 33.61 40.41
CA ALA B 123 -2.96 33.80 40.07
C ALA B 123 -2.07 33.60 41.29
N GLU B 124 -2.46 34.15 42.44
CA GLU B 124 -1.71 33.93 43.66
C GLU B 124 -1.73 32.47 44.08
N LYS B 125 -2.82 31.75 43.77
CA LYS B 125 -2.90 30.33 44.09
C LYS B 125 -1.84 29.54 43.33
N LEU B 126 -1.73 29.77 42.01
CA LEU B 126 -0.75 29.05 41.22
C LEU B 126 0.67 29.48 41.55
N LEU B 127 0.89 30.79 41.72
CA LEU B 127 2.24 31.27 42.02
C LEU B 127 2.76 30.71 43.33
N THR B 128 1.87 30.37 44.26
CA THR B 128 2.31 29.86 45.56
C THR B 128 2.57 28.36 45.51
N GLU B 129 1.78 27.62 44.74
CA GLU B 129 1.88 26.17 44.71
C GLU B 129 2.86 25.66 43.67
N LYS B 130 2.87 26.25 42.48
CA LYS B 130 3.71 25.78 41.38
C LYS B 130 4.93 26.66 41.14
N GLY B 131 5.07 27.78 41.85
CA GLY B 131 6.10 28.74 41.54
C GLY B 131 7.39 28.51 42.29
N LYS B 132 8.48 28.99 41.68
CA LYS B 132 9.79 29.02 42.31
C LYS B 132 10.33 30.44 42.27
N HIS B 133 11.62 30.63 42.50
CA HIS B 133 12.22 31.95 42.37
C HIS B 133 12.38 32.31 40.90
N GLY B 134 11.91 33.50 40.53
CA GLY B 134 11.97 33.96 39.16
C GLY B 134 10.70 33.77 38.36
N SER B 135 9.77 32.96 38.85
CA SER B 135 8.51 32.75 38.14
C SER B 135 7.72 34.06 38.07
N PHE B 136 7.13 34.32 36.91
CA PHE B 136 6.33 35.52 36.71
C PHE B 136 5.19 35.18 35.74
N LEU B 137 4.29 36.14 35.57
CA LEU B 137 3.13 35.97 34.71
C LEU B 137 2.46 37.32 34.53
N VAL B 138 1.69 37.44 33.46
CA VAL B 138 0.98 38.68 33.12
C VAL B 138 -0.47 38.33 32.85
N ARG B 139 -1.39 38.96 33.57
CA ARG B 139 -2.82 38.73 33.43
C ARG B 139 -3.52 40.05 33.17
N GLU B 140 -4.79 39.96 32.80
CA GLU B 140 -5.61 41.15 32.60
C GLU B 140 -6.09 41.68 33.93
N SER B 141 -6.25 43.01 34.00
CA SER B 141 -6.73 43.66 35.21
C SER B 141 -8.25 43.70 35.21
N GLN B 142 -8.83 43.44 36.39
CA GLN B 142 -10.27 43.47 36.56
C GLN B 142 -10.77 44.77 37.16
N SER B 143 -9.98 45.41 38.03
CA SER B 143 -10.35 46.71 38.58
C SER B 143 -10.03 47.85 37.63
N HIS B 144 -9.08 47.67 36.72
CA HIS B 144 -8.70 48.68 35.73
C HIS B 144 -8.80 48.04 34.34
N PRO B 145 -9.98 48.08 33.73
CA PRO B 145 -10.15 47.44 32.42
C PRO B 145 -9.19 48.01 31.39
N GLY B 146 -8.54 47.12 30.65
CA GLY B 146 -7.55 47.48 29.66
C GLY B 146 -6.12 47.38 30.15
N ASP B 147 -5.91 47.55 31.45
CA ASP B 147 -4.58 47.44 32.04
C ASP B 147 -4.25 45.97 32.30
N PHE B 148 -3.00 45.73 32.71
CA PHE B 148 -2.51 44.39 32.97
C PHE B 148 -1.74 44.38 34.28
N VAL B 149 -1.51 43.18 34.81
CA VAL B 149 -0.84 42.99 36.08
C VAL B 149 0.33 42.03 35.87
N LEU B 150 1.48 42.37 36.43
CA LEU B 150 2.68 41.53 36.38
C LEU B 150 2.96 41.03 37.80
N SER B 151 3.01 39.71 37.96
CA SER B 151 3.24 39.08 39.25
C SER B 151 4.54 38.30 39.21
N VAL B 152 5.40 38.52 40.20
CA VAL B 152 6.71 37.88 40.27
C VAL B 152 6.84 37.18 41.62
N ARG B 153 7.58 36.08 41.63
CA ARG B 153 7.89 35.34 42.84
C ARG B 153 9.39 35.42 43.10
N THR B 154 9.76 35.77 44.33
CA THR B 154 11.16 35.90 44.71
C THR B 154 11.37 35.28 46.07
N GLY B 155 12.57 34.73 46.28
CA GLY B 155 12.91 34.13 47.55
C GLY B 155 13.60 32.79 47.43
N ASP B 156 14.05 32.25 48.56
CA ASP B 156 14.72 30.95 48.58
C ASP B 156 13.67 29.85 48.59
N ASP B 157 13.59 29.10 47.49
CA ASP B 157 12.62 28.01 47.37
C ASP B 157 12.85 26.95 48.44
N ASN B 162 6.01 27.76 52.43
CA ASN B 162 5.22 28.65 53.26
C ASN B 162 5.90 28.92 54.60
N ASP B 163 7.13 29.44 54.53
CA ASP B 163 7.90 29.78 55.73
C ASP B 163 8.28 31.26 55.78
N GLY B 164 7.71 32.09 54.91
CA GLY B 164 8.00 33.50 54.90
C GLY B 164 9.29 33.90 54.22
N LYS B 165 10.07 32.93 53.73
CA LYS B 165 11.33 33.25 53.06
C LYS B 165 11.13 33.69 51.61
N SER B 166 9.92 33.55 51.07
CA SER B 166 9.61 33.99 49.72
C SER B 166 8.31 34.79 49.75
N LYS B 167 8.15 35.66 48.74
CA LYS B 167 6.97 36.51 48.64
C LYS B 167 6.55 36.63 47.19
N VAL B 168 5.38 37.22 46.98
CA VAL B 168 4.84 37.48 45.65
C VAL B 168 4.64 38.99 45.51
N THR B 169 5.19 39.56 44.44
CA THR B 169 5.10 40.99 44.17
C THR B 169 4.26 41.23 42.94
N HIS B 170 3.33 42.18 43.04
CA HIS B 170 2.46 42.55 41.93
C HIS B 170 2.89 43.90 41.37
N VAL B 171 2.76 44.05 40.06
CA VAL B 171 3.14 45.28 39.36
C VAL B 171 2.06 45.61 38.35
N MET B 172 1.46 46.79 38.49
CA MET B 172 0.42 47.22 37.55
C MET B 172 1.03 47.66 36.23
N ILE B 173 0.35 47.33 35.14
CA ILE B 173 0.78 47.68 33.79
C ILE B 173 -0.32 48.53 33.18
N ARG B 174 -0.07 49.83 33.06
CA ARG B 174 -1.07 50.75 32.53
C ARG B 174 -1.05 50.76 31.01
N CYS B 175 -2.23 50.85 30.42
CA CYS B 175 -2.40 50.97 28.96
C CYS B 175 -2.90 52.38 28.68
N GLN B 176 -2.00 53.25 28.21
CA GLN B 176 -2.31 54.65 27.93
C GLN B 176 -2.07 54.92 26.47
N GLU B 177 -3.15 55.14 25.70
CA GLU B 177 -3.07 55.49 24.29
C GLU B 177 -2.27 54.46 23.50
N LEU B 178 -2.60 53.18 23.70
CA LEU B 178 -2.08 52.04 22.97
C LEU B 178 -0.64 51.68 23.35
N LYS B 179 -0.06 52.33 24.34
CA LYS B 179 1.27 51.99 24.83
C LYS B 179 1.18 51.55 26.29
N TYR B 180 2.18 50.77 26.72
CA TYR B 180 2.17 50.13 28.01
C TYR B 180 3.37 50.57 28.83
N ASP B 181 3.14 50.87 30.11
CA ASP B 181 4.20 51.30 31.01
C ASP B 181 3.90 50.78 32.41
N VAL B 182 4.93 50.77 33.25
CA VAL B 182 4.80 50.28 34.62
C VAL B 182 4.77 51.46 35.58
N GLY B 183 4.07 52.52 35.21
CA GLY B 183 3.96 53.71 36.02
C GLY B 183 5.04 54.75 35.80
N GLY B 184 6.21 54.35 35.31
CA GLY B 184 7.28 55.29 35.07
C GLY B 184 8.30 54.70 34.11
N GLY B 185 9.11 55.60 33.55
CA GLY B 185 10.14 55.18 32.61
C GLY B 185 9.69 55.17 31.17
N GLU B 186 10.10 54.15 30.41
CA GLU B 186 9.78 54.07 29.01
C GLU B 186 8.34 53.60 28.80
N ARG B 187 7.82 53.87 27.61
CA ARG B 187 6.50 53.43 27.19
C ARG B 187 6.66 52.54 25.96
N PHE B 188 6.09 51.34 26.01
CA PHE B 188 6.32 50.31 25.01
C PHE B 188 5.11 50.16 24.10
N ASP B 189 5.35 49.63 22.91
CA ASP B 189 4.30 49.45 21.91
C ASP B 189 3.50 48.17 22.12
N SER B 190 4.02 47.23 22.89
CA SER B 190 3.34 45.96 23.11
C SER B 190 3.75 45.38 24.45
N LEU B 191 2.94 44.46 24.95
CA LEU B 191 3.26 43.81 26.22
C LEU B 191 4.54 43.00 26.13
N THR B 192 4.85 42.46 24.96
CA THR B 192 6.09 41.69 24.80
C THR B 192 7.30 42.59 24.90
N ASP B 193 7.29 43.73 24.20
CA ASP B 193 8.41 44.66 24.28
C ASP B 193 8.66 45.12 25.70
N LEU B 194 7.60 45.22 26.51
CA LEU B 194 7.77 45.63 27.90
C LEU B 194 8.35 44.51 28.75
N VAL B 195 7.83 43.29 28.59
CA VAL B 195 8.32 42.16 29.38
C VAL B 195 9.78 41.89 29.07
N GLU B 196 10.15 41.89 27.78
CA GLU B 196 11.53 41.63 27.41
C GLU B 196 12.47 42.69 27.96
N HIS B 197 12.03 43.95 27.98
CA HIS B 197 12.88 45.02 28.50
C HIS B 197 13.26 44.78 29.95
N TYR B 198 12.29 44.40 30.77
CA TYR B 198 12.54 44.18 32.20
C TYR B 198 13.07 42.79 32.50
N LYS B 199 13.27 41.94 31.49
CA LYS B 199 14.06 40.74 31.69
C LYS B 199 15.55 41.05 31.59
N LYS B 200 15.94 41.89 30.63
CA LYS B 200 17.32 42.34 30.54
C LYS B 200 17.66 43.35 31.62
N ASN B 201 16.70 44.21 31.98
CA ASN B 201 16.86 45.25 32.99
C ASN B 201 15.79 45.04 34.06
N PRO B 202 16.01 44.11 34.99
CA PRO B 202 14.96 43.80 35.97
C PRO B 202 14.73 44.97 36.92
N MET B 203 13.45 45.18 37.25
CA MET B 203 13.10 46.21 38.22
C MET B 203 13.66 45.84 39.59
N VAL B 204 13.97 46.87 40.38
CA VAL B 204 14.56 46.71 41.70
C VAL B 204 13.81 47.59 42.68
N GLU B 205 13.44 47.02 43.82
CA GLU B 205 12.80 47.80 44.87
C GLU B 205 13.85 48.55 45.69
N THR B 206 13.42 49.65 46.30
CA THR B 206 14.35 50.52 47.01
C THR B 206 15.13 49.76 48.08
N LEU B 207 14.53 48.73 48.68
CA LEU B 207 15.20 47.99 49.75
C LEU B 207 16.20 46.97 49.22
N GLY B 208 16.24 46.73 47.91
CA GLY B 208 17.24 45.87 47.30
C GLY B 208 16.68 44.68 46.55
N THR B 209 15.46 44.24 46.86
CA THR B 209 14.89 43.06 46.20
C THR B 209 14.84 43.27 44.70
N VAL B 210 15.37 42.29 43.97
CA VAL B 210 15.41 42.32 42.51
C VAL B 210 14.29 41.46 41.97
N LEU B 211 13.37 42.06 41.21
CA LEU B 211 12.24 41.35 40.63
C LEU B 211 12.70 40.62 39.36
N GLN B 212 13.48 39.57 39.57
CA GLN B 212 14.04 38.81 38.47
C GLN B 212 12.96 37.99 37.78
N LEU B 213 12.77 38.22 36.48
CA LEU B 213 11.86 37.42 35.67
C LEU B 213 12.68 36.28 35.07
N LYS B 214 12.79 35.19 35.84
CA LYS B 214 13.69 34.11 35.46
C LYS B 214 13.07 33.21 34.40
N GLN B 215 11.82 32.77 34.62
CA GLN B 215 11.14 31.91 33.67
C GLN B 215 9.64 31.96 33.95
N PRO B 216 8.81 31.79 32.93
CA PRO B 216 7.36 31.89 33.15
C PRO B 216 6.86 30.81 34.10
N LEU B 217 5.77 31.12 34.79
CA LEU B 217 5.15 30.16 35.69
C LEU B 217 4.61 28.97 34.91
N ASN B 218 4.98 27.77 35.35
CA ASN B 218 4.55 26.55 34.67
C ASN B 218 3.13 26.20 35.10
N THR B 219 2.20 26.22 34.15
CA THR B 219 0.81 25.82 34.38
C THR B 219 0.36 24.71 33.46
N THR B 220 1.30 24.03 32.78
CA THR B 220 0.97 22.90 31.93
C THR B 220 1.29 21.55 32.55
N ARG B 221 2.27 21.50 33.45
CA ARG B 221 2.58 20.26 34.14
C ARG B 221 1.43 19.85 35.04
N ILE B 222 1.04 18.58 34.93
CA ILE B 222 -0.07 18.05 35.72
C ILE B 222 0.31 16.67 36.23
N ASN B 223 -0.43 16.22 37.24
CA ASN B 223 -0.31 14.86 37.73
C ASN B 223 -1.09 13.92 36.80
N ALA B 224 -0.45 12.85 36.37
CA ALA B 224 -1.05 11.97 35.37
C ALA B 224 -2.42 11.44 35.80
N ALA B 225 -2.64 11.27 37.11
CA ALA B 225 -3.92 10.71 37.54
C ALA B 225 -5.08 11.66 37.26
N GLU B 226 -4.82 12.96 37.15
CA GLU B 226 -5.85 13.95 36.89
C GLU B 226 -5.89 14.36 35.42
N ILE B 227 -5.65 13.41 34.50
CA ILE B 227 -5.61 13.76 33.09
C ILE B 227 -7.00 14.07 32.56
N GLU B 228 -8.01 13.30 32.98
CA GLU B 228 -9.35 13.49 32.45
C GLU B 228 -9.86 14.91 32.72
N SER B 229 -9.70 15.39 33.95
CA SER B 229 -10.16 16.74 34.29
C SER B 229 -9.40 17.78 33.47
N ARG B 230 -8.09 17.61 33.30
CA ARG B 230 -7.31 18.55 32.53
C ARG B 230 -7.74 18.55 31.06
N VAL B 231 -8.06 17.37 30.52
CA VAL B 231 -8.55 17.30 29.15
C VAL B 231 -9.92 17.95 29.03
N ARG B 232 -10.75 17.86 30.07
CA ARG B 232 -12.05 18.51 30.05
C ARG B 232 -11.90 20.03 30.11
N GLU B 233 -10.89 20.53 30.82
CA GLU B 233 -10.66 21.96 30.88
C GLU B 233 -10.13 22.49 29.55
N LEU B 234 -9.16 21.78 28.96
CA LEU B 234 -8.60 22.19 27.68
C LEU B 234 -9.58 22.08 26.53
N SER B 235 -10.70 21.39 26.72
CA SER B 235 -11.66 21.14 25.65
C SER B 235 -12.73 22.22 25.53
N LYS B 236 -12.86 23.11 26.51
CA LYS B 236 -13.84 24.17 26.44
C LYS B 236 -13.18 25.52 26.19
N GLY B 247 -7.89 26.59 25.63
CA GLY B 247 -7.34 25.33 26.09
C GLY B 247 -6.33 24.73 25.14
N PHE B 248 -6.75 23.68 24.42
CA PHE B 248 -5.86 23.02 23.47
C PHE B 248 -5.28 24.02 22.46
N TRP B 249 -6.12 24.93 21.97
CA TRP B 249 -5.66 25.86 20.94
C TRP B 249 -4.56 26.77 21.46
N GLU B 250 -4.79 27.42 22.60
CA GLU B 250 -3.82 28.39 23.10
C GLU B 250 -2.55 27.70 23.62
N GLU B 251 -2.69 26.53 24.24
CA GLU B 251 -1.51 25.77 24.66
C GLU B 251 -0.67 25.38 23.45
N PHE B 252 -1.31 24.81 22.43
CA PHE B 252 -0.57 24.37 21.25
C PHE B 252 0.06 25.55 20.53
N GLU B 253 -0.71 26.62 20.31
CA GLU B 253 -0.18 27.77 19.59
C GLU B 253 0.90 28.49 20.39
N THR B 254 0.80 28.46 21.72
CA THR B 254 1.91 28.95 22.54
C THR B 254 3.15 28.10 22.36
N LEU B 255 2.97 26.79 22.17
CA LEU B 255 4.10 25.92 21.86
C LEU B 255 4.68 26.23 20.48
N GLN B 256 3.81 26.50 19.50
CA GLN B 256 4.30 26.80 18.16
C GLN B 256 5.15 28.06 18.13
N GLN B 257 4.84 29.04 18.99
CA GLN B 257 5.61 30.27 19.03
C GLN B 257 7.04 30.04 19.48
N GLN B 258 7.32 28.94 20.18
CA GLN B 258 8.65 28.65 20.66
C GLN B 258 9.52 27.93 19.63
N GLU B 259 8.97 27.59 18.47
CA GLU B 259 9.74 26.86 17.47
C GLU B 259 10.89 27.66 16.91
N CYS B 260 10.81 29.00 16.96
CA CYS B 260 11.90 29.83 16.46
C CYS B 260 13.17 29.70 17.30
N LYS B 261 13.11 29.00 18.44
CA LYS B 261 14.27 28.74 19.26
C LYS B 261 15.05 27.51 18.83
N LEU B 262 14.51 26.72 17.90
CA LEU B 262 15.08 25.44 17.51
C LEU B 262 15.52 25.45 16.05
N LEU B 263 16.13 26.55 15.61
CA LEU B 263 16.62 26.66 14.24
C LEU B 263 18.08 26.20 14.12
N TYR B 264 18.35 24.99 14.61
CA TYR B 264 19.70 24.45 14.55
C TYR B 264 20.13 24.21 13.11
N SER B 265 21.42 24.08 12.91
CA SER B 265 21.97 23.94 11.57
C SER B 265 21.65 22.57 10.98
N ARG B 266 21.49 22.53 9.66
CA ARG B 266 21.21 21.32 8.90
C ARG B 266 22.13 21.24 7.70
N LYS B 267 23.42 21.48 7.92
CA LYS B 267 24.37 21.61 6.82
C LYS B 267 24.53 20.30 6.07
N GLU B 268 24.82 19.21 6.78
CA GLU B 268 25.11 17.94 6.12
C GLU B 268 24.00 17.54 5.16
N GLY B 269 22.75 17.81 5.52
CA GLY B 269 21.65 17.46 4.64
C GLY B 269 21.62 18.28 3.37
N GLN B 270 21.97 19.57 3.46
CA GLN B 270 21.97 20.45 2.31
C GLN B 270 23.14 20.23 1.37
N ARG B 271 24.06 19.33 1.71
CA ARG B 271 25.21 19.09 0.86
C ARG B 271 24.78 18.51 -0.49
N GLN B 272 25.62 18.75 -1.51
CA GLN B 272 25.31 18.29 -2.85
C GLN B 272 25.12 16.78 -2.89
N GLU B 273 26.11 16.03 -2.39
CA GLU B 273 26.10 14.58 -2.45
C GLU B 273 25.02 13.94 -1.59
N ASN B 274 24.20 14.73 -0.90
CA ASN B 274 23.16 14.19 -0.03
C ASN B 274 21.77 14.69 -0.38
N LYS B 275 21.62 15.51 -1.42
CA LYS B 275 20.31 16.08 -1.74
C LYS B 275 19.33 14.99 -2.14
N ASN B 276 19.76 14.04 -2.96
CA ASN B 276 18.87 12.99 -3.44
C ASN B 276 18.64 11.88 -2.41
N LYS B 277 19.21 12.00 -1.22
CA LYS B 277 18.92 11.07 -0.13
C LYS B 277 17.83 11.58 0.79
N ASN B 278 17.23 12.74 0.49
CA ASN B 278 16.16 13.32 1.28
C ASN B 278 14.85 13.20 0.53
N ARG B 279 13.83 12.64 1.18
CA ARG B 279 12.53 12.51 0.55
C ARG B 279 11.93 13.86 0.21
N TYR B 280 12.05 14.82 1.12
CA TYR B 280 11.56 16.18 0.92
C TYR B 280 12.72 17.14 1.02
N LYS B 281 12.77 18.10 0.08
CA LYS B 281 13.97 18.92 -0.10
C LYS B 281 14.36 19.64 1.18
N ASN B 282 13.43 20.33 1.81
CA ASN B 282 13.73 21.23 2.91
C ASN B 282 13.49 20.62 4.29
N ILE B 283 13.12 19.35 4.37
CA ILE B 283 12.94 18.66 5.64
C ILE B 283 14.22 17.89 5.89
N LEU B 284 15.13 18.49 6.65
CA LEU B 284 16.48 17.96 6.82
C LEU B 284 16.76 17.67 8.29
N PRO B 285 17.72 16.79 8.57
CA PRO B 285 17.99 16.43 9.96
C PRO B 285 19.00 17.38 10.60
N PHE B 286 18.80 17.63 11.89
CA PHE B 286 19.74 18.45 12.64
C PHE B 286 21.13 17.83 12.62
N ASP B 287 22.15 18.68 12.55
CA ASP B 287 23.52 18.19 12.49
C ASP B 287 23.94 17.56 13.82
N HIS B 288 23.56 18.15 14.94
CA HIS B 288 24.02 17.72 16.25
C HIS B 288 23.31 16.48 16.76
N THR B 289 22.34 15.94 16.02
CA THR B 289 21.66 14.72 16.45
C THR B 289 21.47 13.71 15.32
N ARG B 290 21.90 14.01 14.10
CA ARG B 290 21.73 13.08 12.99
C ARG B 290 22.55 11.82 13.20
N VAL B 291 22.11 10.74 12.58
CA VAL B 291 22.79 9.45 12.69
C VAL B 291 23.93 9.42 11.68
N VAL B 292 25.17 9.39 12.18
CA VAL B 292 26.35 9.31 11.33
C VAL B 292 26.67 7.85 11.09
N LEU B 293 26.67 7.45 9.81
CA LEU B 293 26.94 6.06 9.43
C LEU B 293 28.43 5.90 9.20
N HIS B 294 29.08 5.10 10.05
CA HIS B 294 30.50 4.82 9.91
C HIS B 294 30.72 3.56 9.07
N ASP B 295 31.95 3.36 8.65
CA ASP B 295 32.30 2.23 7.79
C ASP B 295 31.60 2.32 6.44
N SER B 303 29.38 9.17 2.55
CA SER B 303 28.56 7.97 2.70
C SER B 303 28.12 7.80 4.15
N ASP B 304 28.19 8.88 4.93
CA ASP B 304 27.84 8.85 6.34
C ASP B 304 26.50 9.51 6.63
N TYR B 305 25.70 9.78 5.60
CA TYR B 305 24.47 10.55 5.75
C TYR B 305 23.24 9.69 5.57
N ILE B 306 22.25 9.92 6.44
CA ILE B 306 20.90 9.42 6.27
C ILE B 306 19.96 10.35 7.01
N ASN B 307 18.81 10.65 6.40
CA ASN B 307 17.84 11.55 6.99
C ASN B 307 17.23 10.89 8.22
N ALA B 308 17.94 11.00 9.34
CA ALA B 308 17.50 10.39 10.59
C ALA B 308 18.12 11.15 11.75
N ASN B 309 17.45 11.06 12.90
CA ASN B 309 17.88 11.75 14.11
C ASN B 309 17.64 10.86 15.32
N ILE B 310 18.61 10.83 16.23
CA ILE B 310 18.46 10.09 17.48
C ILE B 310 17.64 10.93 18.45
N ILE B 311 16.56 10.34 18.97
CA ILE B 311 15.66 11.01 19.89
C ILE B 311 15.93 10.45 21.28
N MET B 312 16.46 11.28 22.17
CA MET B 312 16.75 10.87 23.54
C MET B 312 15.68 11.42 24.47
N PRO B 313 14.99 10.58 25.23
CA PRO B 313 13.98 11.11 26.17
C PRO B 313 14.58 12.01 27.24
N GLU B 314 15.86 11.87 27.54
CA GLU B 314 16.55 12.71 28.51
C GLU B 314 17.63 13.50 27.76
N PHE B 315 17.21 14.58 27.10
CA PHE B 315 18.09 15.43 26.31
C PHE B 315 18.29 16.74 27.06
N GLU B 316 19.52 16.99 27.53
CA GLU B 316 19.84 18.18 28.29
C GLU B 316 19.10 18.19 29.63
N THR B 317 19.09 17.04 30.30
CA THR B 317 18.45 16.92 31.60
C THR B 317 19.49 16.62 32.69
N LYS B 318 19.19 15.67 33.57
CA LYS B 318 20.08 15.37 34.70
C LYS B 318 20.26 13.86 34.81
N CYS B 319 21.52 13.45 34.99
CA CYS B 319 21.89 12.05 35.24
C CYS B 319 20.93 11.03 34.61
N SER B 322 19.88 1.91 31.01
CA SER B 322 20.68 2.42 29.92
C SER B 322 19.82 3.24 28.97
N LYS B 323 20.43 4.24 28.34
CA LYS B 323 19.71 5.17 27.47
C LYS B 323 19.56 4.64 26.05
N PRO B 324 20.54 3.92 25.49
CA PRO B 324 20.35 3.40 24.13
C PRO B 324 19.11 2.54 23.98
N LYS B 325 18.85 1.64 24.93
CA LYS B 325 17.64 0.83 24.89
C LYS B 325 16.38 1.65 25.10
N LYS B 326 16.49 2.89 25.56
CA LYS B 326 15.36 3.77 25.79
C LYS B 326 15.24 4.87 24.75
N SER B 327 16.04 4.82 23.70
CA SER B 327 16.09 5.87 22.69
C SER B 327 15.29 5.48 21.44
N TYR B 328 15.18 6.42 20.52
CA TYR B 328 14.54 6.20 19.24
C TYR B 328 15.39 6.79 18.13
N ILE B 329 15.07 6.41 16.90
CA ILE B 329 15.67 7.01 15.70
C ILE B 329 14.51 7.43 14.80
N ALA B 330 14.26 8.74 14.74
CA ALA B 330 13.23 9.29 13.88
C ALA B 330 13.81 9.51 12.49
N THR B 331 13.24 8.85 11.48
CA THR B 331 13.74 8.91 10.12
C THR B 331 12.58 8.99 9.14
N GLN B 332 12.92 9.18 7.87
CA GLN B 332 11.95 9.32 6.81
C GLN B 332 11.63 7.96 6.18
N GLY B 333 10.58 7.94 5.38
CA GLY B 333 10.28 6.76 4.60
C GLY B 333 11.35 6.50 3.55
N CYS B 334 11.76 5.25 3.44
CA CYS B 334 12.89 4.91 2.57
C CYS B 334 12.59 5.24 1.12
N LEU B 335 13.59 5.80 0.44
CA LEU B 335 13.63 5.86 -1.01
C LEU B 335 14.45 4.69 -1.53
N GLN B 336 14.21 4.33 -2.79
N GLN B 336 14.20 4.34 -2.79
CA GLN B 336 14.91 3.19 -3.37
CA GLN B 336 14.91 3.20 -3.39
C GLN B 336 16.42 3.36 -3.35
C GLN B 336 16.42 3.36 -3.28
N ASN B 337 16.92 4.59 -3.32
CA ASN B 337 18.34 4.87 -3.25
C ASN B 337 18.81 5.15 -1.82
N THR B 338 17.98 4.89 -0.82
CA THR B 338 18.38 4.99 0.58
C THR B 338 18.08 3.73 1.37
N VAL B 339 17.60 2.66 0.72
CA VAL B 339 17.28 1.44 1.44
C VAL B 339 18.55 0.82 2.02
N ASN B 340 19.61 0.76 1.22
CA ASN B 340 20.87 0.20 1.71
C ASN B 340 21.39 1.00 2.90
N ASP B 341 21.28 2.34 2.84
CA ASP B 341 21.69 3.16 3.97
C ASP B 341 20.80 2.92 5.18
N PHE B 342 19.52 2.63 4.95
CA PHE B 342 18.61 2.36 6.07
C PHE B 342 19.06 1.15 6.86
N TRP B 343 19.43 0.06 6.17
CA TRP B 343 19.85 -1.15 6.87
C TRP B 343 21.23 -1.01 7.50
N ARG B 344 22.10 -0.18 6.89
CA ARG B 344 23.37 0.12 7.54
C ARG B 344 23.17 0.82 8.87
N MET B 345 22.14 1.67 8.97
CA MET B 345 21.84 2.34 10.22
C MET B 345 21.26 1.37 11.25
N VAL B 346 20.24 0.60 10.84
CA VAL B 346 19.64 -0.36 11.75
C VAL B 346 20.68 -1.33 12.30
N PHE B 347 21.65 -1.70 11.46
CA PHE B 347 22.71 -2.61 11.90
C PHE B 347 23.72 -1.91 12.79
N GLN B 348 24.17 -0.72 12.38
CA GLN B 348 25.18 -0.01 13.14
C GLN B 348 24.67 0.40 14.51
N GLU B 349 23.39 0.77 14.60
CA GLU B 349 22.79 1.21 15.86
C GLU B 349 22.28 0.05 16.70
N ASN B 350 22.37 -1.19 16.22
CA ASN B 350 21.93 -2.37 16.95
C ASN B 350 20.44 -2.30 17.28
N SER B 351 19.66 -1.66 16.41
CA SER B 351 18.22 -1.60 16.61
C SER B 351 17.59 -2.94 16.31
N ARG B 352 16.53 -3.28 17.06
CA ARG B 352 15.84 -4.55 16.89
C ARG B 352 14.34 -4.39 16.65
N VAL B 353 13.83 -3.17 16.68
CA VAL B 353 12.40 -2.91 16.49
C VAL B 353 12.23 -1.70 15.58
N ILE B 354 11.32 -1.82 14.62
CA ILE B 354 11.03 -0.75 13.67
C ILE B 354 9.53 -0.48 13.69
N VAL B 355 9.17 0.80 13.70
CA VAL B 355 7.77 1.22 13.75
C VAL B 355 7.46 1.97 12.47
N MET B 356 6.56 1.42 11.65
CA MET B 356 6.13 2.03 10.41
C MET B 356 4.68 2.47 10.56
N THR B 357 4.45 3.78 10.48
CA THR B 357 3.12 4.33 10.64
C THR B 357 2.60 4.91 9.33
N THR B 358 2.65 4.12 8.25
CA THR B 358 2.14 4.56 6.96
C THR B 358 2.18 3.45 5.92
N LYS B 359 1.21 3.43 5.01
CA LYS B 359 1.29 2.51 3.90
C LYS B 359 2.43 2.93 2.97
N GLU B 360 2.74 2.06 2.01
CA GLU B 360 3.73 2.43 1.00
C GLU B 360 3.18 3.48 0.04
N VAL B 361 1.85 3.52 -0.14
CA VAL B 361 1.21 4.44 -1.06
C VAL B 361 -0.07 4.96 -0.41
N GLU B 362 -0.23 6.28 -0.39
CA GLU B 362 -1.44 6.91 0.13
C GLU B 362 -1.83 8.06 -0.78
N ARG B 363 -3.12 8.14 -1.10
CA ARG B 363 -3.64 9.16 -2.02
C ARG B 363 -2.95 9.04 -3.38
N GLY B 364 -2.74 7.81 -3.84
CA GLY B 364 -2.00 7.58 -5.07
C GLY B 364 -0.59 8.11 -5.09
N LYS B 365 -0.04 8.51 -3.94
CA LYS B 365 1.31 9.04 -3.87
C LYS B 365 2.21 8.11 -3.05
N SER B 366 3.47 8.01 -3.44
CA SER B 366 4.41 7.13 -2.76
C SER B 366 4.95 7.81 -1.50
N LYS B 367 4.84 7.11 -0.37
CA LYS B 367 5.34 7.61 0.90
C LYS B 367 6.51 6.82 1.47
N CYS B 368 6.70 5.58 1.02
CA CYS B 368 7.81 4.77 1.50
C CYS B 368 7.99 3.53 0.63
N VAL B 369 9.20 3.35 0.08
CA VAL B 369 9.45 2.19 -0.76
C VAL B 369 9.59 0.94 0.11
N LYS B 370 9.31 -0.20 -0.49
CA LYS B 370 9.36 -1.49 0.19
C LYS B 370 10.82 -1.87 0.44
N TYR B 371 11.27 -1.70 1.68
CA TYR B 371 12.65 -1.98 2.05
C TYR B 371 12.81 -3.34 2.72
N TRP B 372 11.77 -4.17 2.72
CA TRP B 372 11.83 -5.48 3.34
C TRP B 372 11.47 -6.56 2.31
N PRO B 373 12.05 -7.74 2.42
CA PRO B 373 11.76 -8.81 1.46
C PRO B 373 10.37 -9.39 1.68
N ASP B 374 9.89 -10.09 0.65
CA ASP B 374 8.63 -10.80 0.77
C ASP B 374 8.74 -11.90 1.82
N GLU B 375 7.59 -12.38 2.27
CA GLU B 375 7.57 -13.41 3.30
C GLU B 375 8.37 -14.63 2.84
N TYR B 376 9.31 -15.05 3.67
CA TYR B 376 10.19 -16.21 3.46
C TYR B 376 11.32 -15.89 2.48
N ALA B 377 11.35 -14.71 1.88
CA ALA B 377 12.36 -14.39 0.89
C ALA B 377 13.68 -13.98 1.58
N LEU B 378 14.73 -13.86 0.77
CA LEU B 378 16.03 -13.44 1.25
C LEU B 378 16.64 -12.51 0.21
N LYS B 379 16.86 -11.25 0.60
CA LYS B 379 17.42 -10.24 -0.27
C LYS B 379 18.71 -9.69 0.32
N GLU B 380 19.59 -9.20 -0.55
CA GLU B 380 20.83 -8.54 -0.16
C GLU B 380 20.72 -7.06 -0.46
N TYR B 381 20.83 -6.23 0.58
CA TYR B 381 20.76 -4.79 0.45
C TYR B 381 22.17 -4.25 0.67
N GLY B 382 22.92 -4.12 -0.41
CA GLY B 382 24.32 -3.73 -0.29
C GLY B 382 25.09 -4.78 0.47
N VAL B 383 25.87 -4.33 1.47
CA VAL B 383 26.62 -5.27 2.31
C VAL B 383 25.75 -5.89 3.39
N MET B 384 24.48 -5.52 3.48
CA MET B 384 23.58 -6.05 4.49
C MET B 384 22.71 -7.16 3.90
N ARG B 385 22.33 -8.11 4.76
CA ARG B 385 21.48 -9.22 4.39
C ARG B 385 20.25 -9.25 5.28
N VAL B 386 19.08 -9.49 4.68
CA VAL B 386 17.82 -9.44 5.40
C VAL B 386 16.94 -10.61 4.95
N ARG B 387 16.37 -11.31 5.92
N ARG B 387 16.37 -11.31 5.92
CA ARG B 387 15.47 -12.43 5.65
CA ARG B 387 15.48 -12.43 5.65
C ARG B 387 14.13 -12.17 6.32
C ARG B 387 14.13 -12.17 6.32
N ASN B 388 13.05 -12.31 5.55
CA ASN B 388 11.70 -12.14 6.08
C ASN B 388 11.24 -13.50 6.61
N VAL B 389 11.40 -13.71 7.92
CA VAL B 389 11.16 -15.03 8.48
C VAL B 389 9.67 -15.36 8.51
N LYS B 390 8.84 -14.42 8.95
CA LYS B 390 7.42 -14.69 9.08
C LYS B 390 6.66 -13.37 9.24
N GLU B 391 5.45 -13.33 8.67
CA GLU B 391 4.58 -12.17 8.75
C GLU B 391 3.32 -12.54 9.51
N SER B 392 2.89 -11.66 10.41
CA SER B 392 1.72 -11.90 11.25
C SER B 392 0.76 -10.72 11.09
N ALA B 393 -0.36 -10.96 10.42
CA ALA B 393 -1.35 -9.93 10.15
C ALA B 393 -2.30 -9.78 11.34
N ALA B 394 -2.50 -8.56 11.78
CA ALA B 394 -3.44 -8.22 12.84
C ALA B 394 -4.46 -7.23 12.31
N HIS B 395 -5.33 -6.74 13.20
CA HIS B 395 -6.39 -5.83 12.80
C HIS B 395 -5.80 -4.52 12.26
N ASP B 396 -5.00 -3.83 13.09
CA ASP B 396 -4.49 -2.51 12.73
C ASP B 396 -3.13 -2.55 12.08
N TYR B 397 -2.33 -3.60 12.30
CA TYR B 397 -0.93 -3.61 11.88
C TYR B 397 -0.54 -4.99 11.40
N THR B 398 0.66 -5.05 10.81
CA THR B 398 1.27 -6.30 10.38
C THR B 398 2.68 -6.37 10.96
N LEU B 399 3.02 -7.51 11.56
CA LEU B 399 4.33 -7.72 12.14
C LEU B 399 5.17 -8.61 11.22
N ARG B 400 6.46 -8.28 11.11
CA ARG B 400 7.38 -9.01 10.24
C ARG B 400 8.65 -9.32 11.01
N GLU B 401 8.97 -10.60 11.13
N GLU B 401 8.97 -10.60 11.13
CA GLU B 401 10.19 -11.04 11.80
CA GLU B 401 10.19 -11.05 11.79
C GLU B 401 11.31 -11.12 10.76
C GLU B 401 11.31 -11.13 10.76
N LEU B 402 12.28 -10.21 10.85
CA LEU B 402 13.38 -10.14 9.91
C LEU B 402 14.68 -10.56 10.59
N LYS B 403 15.56 -11.16 9.79
CA LYS B 403 16.89 -11.56 10.24
C LYS B 403 17.92 -10.73 9.50
N LEU B 404 18.59 -9.84 10.23
CA LEU B 404 19.56 -8.91 9.66
C LEU B 404 20.97 -9.41 9.95
N SER B 405 21.80 -9.47 8.90
CA SER B 405 23.17 -9.93 9.03
C SER B 405 24.04 -9.22 8.00
N LYS B 406 25.30 -9.00 8.37
CA LYS B 406 26.28 -8.41 7.47
C LYS B 406 26.89 -9.51 6.60
N VAL B 407 26.93 -9.27 5.29
CA VAL B 407 27.47 -10.26 4.37
C VAL B 407 28.93 -10.54 4.69
N GLY B 408 29.32 -11.80 4.59
CA GLY B 408 30.69 -12.19 4.84
C GLY B 408 31.09 -12.27 6.30
N GLN B 409 30.12 -12.19 7.22
CA GLN B 409 30.40 -12.28 8.66
C GLN B 409 29.33 -13.13 9.30
N GLY B 410 29.72 -14.29 9.83
CA GLY B 410 28.74 -15.23 10.36
C GLY B 410 28.19 -14.87 11.72
N ASN B 411 28.95 -14.13 12.52
CA ASN B 411 28.56 -13.78 13.89
C ASN B 411 28.00 -12.38 13.99
N THR B 412 27.12 -11.99 13.05
CA THR B 412 26.48 -10.68 13.08
C THR B 412 24.97 -10.74 13.04
N GLU B 413 24.38 -11.93 12.89
CA GLU B 413 22.94 -12.03 12.72
C GLU B 413 22.20 -11.60 13.99
N ARG B 414 21.13 -10.83 13.81
CA ARG B 414 20.22 -10.50 14.88
C ARG B 414 18.83 -10.32 14.29
N THR B 415 17.82 -10.51 15.13
CA THR B 415 16.44 -10.40 14.70
C THR B 415 15.95 -8.97 14.82
N VAL B 416 15.20 -8.51 13.82
CA VAL B 416 14.61 -7.18 13.81
C VAL B 416 13.11 -7.32 13.61
N TRP B 417 12.34 -6.71 14.50
CA TRP B 417 10.89 -6.83 14.51
C TRP B 417 10.28 -5.54 13.98
N GLN B 418 9.68 -5.59 12.79
CA GLN B 418 9.05 -4.44 12.18
C GLN B 418 7.55 -4.48 12.47
N TYR B 419 7.05 -3.44 13.13
CA TYR B 419 5.62 -3.29 13.39
C TYR B 419 5.07 -2.25 12.41
N HIS B 420 4.27 -2.72 11.45
CA HIS B 420 3.78 -1.88 10.35
C HIS B 420 2.31 -1.54 10.61
N PHE B 421 2.06 -0.34 11.15
CA PHE B 421 0.71 0.13 11.32
C PHE B 421 0.13 0.54 9.97
N ARG B 422 -1.06 0.03 9.65
CA ARG B 422 -1.62 0.16 8.32
C ARG B 422 -2.93 0.94 8.26
N THR B 423 -3.50 1.34 9.41
CA THR B 423 -4.83 1.90 9.43
C THR B 423 -4.87 3.39 9.78
N TRP B 424 -3.72 4.06 9.80
CA TRP B 424 -3.73 5.49 10.06
C TRP B 424 -4.47 6.22 8.94
N PRO B 425 -5.40 7.10 9.26
CA PRO B 425 -6.17 7.79 8.20
C PRO B 425 -5.26 8.60 7.30
N ASP B 426 -5.74 8.82 6.08
CA ASP B 426 -4.97 9.63 5.12
C ASP B 426 -4.79 11.05 5.62
N HIS B 427 -5.84 11.63 6.18
CA HIS B 427 -5.79 12.96 6.77
C HIS B 427 -6.12 12.88 8.26
N GLY B 428 -5.69 13.89 9.00
CA GLY B 428 -6.00 13.95 10.42
C GLY B 428 -5.39 12.78 11.17
N VAL B 429 -6.03 12.44 12.29
CA VAL B 429 -5.56 11.37 13.17
C VAL B 429 -6.69 10.40 13.44
N PRO B 430 -6.41 9.21 13.99
CA PRO B 430 -7.50 8.27 14.30
C PRO B 430 -8.45 8.85 15.33
N SER B 431 -9.73 8.49 15.18
CA SER B 431 -10.76 9.01 16.07
C SER B 431 -10.64 8.43 17.48
N ASP B 432 -10.05 7.25 17.64
CA ASP B 432 -9.88 6.64 18.95
C ASP B 432 -8.44 6.16 19.09
N PRO B 433 -7.78 6.43 20.21
CA PRO B 433 -6.38 6.01 20.38
C PRO B 433 -6.21 4.56 20.79
N GLY B 434 -7.29 3.78 20.87
CA GLY B 434 -7.17 2.40 21.31
C GLY B 434 -6.26 1.58 20.42
N GLY B 435 -6.46 1.68 19.10
CA GLY B 435 -5.64 0.90 18.19
C GLY B 435 -4.17 1.24 18.29
N VAL B 436 -3.85 2.53 18.32
CA VAL B 436 -2.45 2.95 18.39
C VAL B 436 -1.84 2.52 19.73
N LEU B 437 -2.62 2.62 20.81
CA LEU B 437 -2.08 2.28 22.13
C LEU B 437 -1.73 0.80 22.21
N ASP B 438 -2.69 -0.08 21.89
CA ASP B 438 -2.40 -1.51 21.85
C ASP B 438 -1.20 -1.78 20.94
N PHE B 439 -1.19 -1.19 19.75
CA PHE B 439 -0.02 -1.26 18.88
C PHE B 439 1.24 -0.82 19.63
N LEU B 440 1.16 0.33 20.30
CA LEU B 440 2.32 0.84 21.03
C LEU B 440 2.73 -0.11 22.14
N GLU B 441 1.76 -0.70 22.85
CA GLU B 441 2.09 -1.59 23.96
C GLU B 441 2.89 -2.80 23.48
N GLU B 442 2.52 -3.36 22.34
CA GLU B 442 3.25 -4.51 21.82
C GLU B 442 4.68 -4.13 21.45
N VAL B 443 4.87 -2.95 20.86
CA VAL B 443 6.22 -2.51 20.49
C VAL B 443 7.09 -2.40 21.74
N HIS B 444 6.56 -1.78 22.80
CA HIS B 444 7.34 -1.60 24.01
C HIS B 444 7.71 -2.94 24.65
N HIS B 445 6.78 -3.88 24.65
CA HIS B 445 7.06 -5.19 25.26
C HIS B 445 8.13 -5.95 24.47
N LYS B 446 8.11 -5.82 23.14
CA LYS B 446 9.14 -6.44 22.33
C LYS B 446 10.51 -5.84 22.63
N GLN B 447 10.60 -4.52 22.63
CA GLN B 447 11.88 -3.86 22.89
C GLN B 447 12.41 -4.19 24.28
N GLU B 448 11.54 -4.23 25.28
CA GLU B 448 12.00 -4.48 26.65
C GLU B 448 12.55 -5.89 26.82
N SER B 449 12.05 -6.85 26.05
CA SER B 449 12.45 -8.24 26.23
C SER B 449 13.78 -8.57 25.57
N ILE B 450 14.33 -7.68 24.75
CA ILE B 450 15.56 -7.94 24.01
C ILE B 450 16.72 -7.26 24.75
N MET B 451 17.67 -8.06 25.21
CA MET B 451 18.81 -7.54 25.95
C MET B 451 19.72 -6.74 25.03
N ASP B 452 20.08 -5.54 25.45
CA ASP B 452 21.02 -4.67 24.75
C ASP B 452 20.44 -4.10 23.45
N ALA B 453 19.12 -4.13 23.31
CA ALA B 453 18.50 -3.62 22.09
C ALA B 453 18.82 -2.14 21.91
N GLY B 454 19.23 -1.76 20.70
CA GLY B 454 19.52 -0.39 20.39
C GLY B 454 18.27 0.46 20.33
N PRO B 455 18.39 1.67 19.77
CA PRO B 455 17.23 2.56 19.70
C PRO B 455 16.14 1.99 18.79
N VAL B 456 14.90 2.34 19.11
CA VAL B 456 13.76 1.90 18.31
C VAL B 456 13.60 2.83 17.12
N VAL B 457 13.57 2.26 15.92
CA VAL B 457 13.43 3.03 14.69
C VAL B 457 11.96 3.27 14.40
N VAL B 458 11.60 4.53 14.18
CA VAL B 458 10.23 4.93 13.88
C VAL B 458 10.26 5.85 12.68
N HIS B 459 9.30 5.66 11.77
CA HIS B 459 9.27 6.45 10.54
C HIS B 459 7.86 6.46 9.97
N CYS B 460 7.57 7.51 9.21
CA CYS B 460 6.36 7.58 8.39
C CYS B 460 6.72 8.00 6.98
N SER B 461 6.26 9.16 6.55
CA SER B 461 6.64 9.71 5.25
C SER B 461 7.81 10.67 5.42
N ALA B 462 7.55 11.82 6.05
CA ALA B 462 8.60 12.78 6.40
C ALA B 462 9.28 12.45 7.73
N GLY B 463 8.64 11.65 8.58
CA GLY B 463 9.25 11.27 9.85
C GLY B 463 9.27 12.36 10.90
N ILE B 464 8.21 13.16 10.97
CA ILE B 464 8.13 14.24 11.95
C ILE B 464 6.73 14.33 12.52
N GLY B 465 5.72 14.16 11.66
CA GLY B 465 4.34 14.23 12.09
C GLY B 465 3.90 13.01 12.86
N ARG B 466 3.48 11.95 12.15
CA ARG B 466 3.09 10.73 12.83
C ARG B 466 4.26 10.16 13.64
N THR B 467 5.47 10.28 13.12
CA THR B 467 6.64 9.76 13.84
C THR B 467 6.81 10.46 15.19
N GLY B 468 6.63 11.78 15.22
CA GLY B 468 6.74 12.50 16.47
C GLY B 468 5.57 12.23 17.39
N THR B 469 4.36 12.13 16.83
CA THR B 469 3.20 11.82 17.65
C THR B 469 3.36 10.49 18.37
N PHE B 470 3.87 9.47 17.68
CA PHE B 470 4.08 8.17 18.32
C PHE B 470 5.19 8.26 19.36
N ILE B 471 6.35 8.79 18.98
CA ILE B 471 7.48 8.85 19.91
C ILE B 471 7.12 9.63 21.16
N VAL B 472 6.36 10.71 21.00
CA VAL B 472 5.97 11.53 22.14
C VAL B 472 5.02 10.75 23.05
N ILE B 473 4.02 10.10 22.46
CA ILE B 473 3.09 9.30 23.26
C ILE B 473 3.84 8.22 24.03
N ASP B 474 4.77 7.52 23.35
CA ASP B 474 5.52 6.46 24.01
C ASP B 474 6.38 7.01 25.13
N ILE B 475 6.93 8.21 24.95
CA ILE B 475 7.79 8.79 25.98
C ILE B 475 6.99 9.13 27.23
N LEU B 476 5.76 9.60 27.06
CA LEU B 476 4.92 9.96 28.20
C LEU B 476 4.39 8.72 28.91
N ILE B 477 3.97 7.70 28.16
CA ILE B 477 3.47 6.48 28.78
C ILE B 477 4.60 5.78 29.55
N ASP B 478 5.81 5.80 28.99
CA ASP B 478 6.94 5.20 29.68
C ASP B 478 7.23 5.89 31.01
N ILE B 479 6.92 7.19 31.10
CA ILE B 479 7.08 7.88 32.37
C ILE B 479 6.10 7.36 33.40
N ILE B 480 4.90 6.96 32.96
CA ILE B 480 3.93 6.37 33.87
C ILE B 480 4.33 4.94 34.23
N ARG B 481 4.99 4.23 33.32
CA ARG B 481 5.41 2.86 33.59
C ARG B 481 6.30 2.79 34.81
N GLU B 482 7.34 3.64 34.86
CA GLU B 482 8.35 3.56 35.91
C GLU B 482 7.96 4.30 37.18
N LYS B 483 7.11 5.32 37.08
CA LYS B 483 6.73 6.11 38.24
C LYS B 483 5.30 5.88 38.72
N GLY B 484 4.45 5.31 37.88
CA GLY B 484 3.07 5.05 38.26
C GLY B 484 2.14 6.19 37.90
N VAL B 485 0.84 5.95 38.13
CA VAL B 485 -0.17 6.96 37.86
C VAL B 485 0.07 8.22 38.69
N ASP B 486 0.77 8.10 39.81
CA ASP B 486 1.07 9.24 40.68
C ASP B 486 2.42 9.82 40.28
N CYS B 487 2.42 10.57 39.17
CA CYS B 487 3.64 11.19 38.67
C CYS B 487 3.26 12.42 37.86
N ASP B 488 4.28 13.21 37.51
CA ASP B 488 4.09 14.46 36.78
C ASP B 488 4.47 14.27 35.32
N ILE B 489 3.70 14.91 34.44
CA ILE B 489 3.98 14.89 33.00
C ILE B 489 3.68 16.28 32.45
N ASP B 490 4.53 16.73 31.52
CA ASP B 490 4.38 18.01 30.86
C ASP B 490 4.46 17.76 29.35
N VAL B 491 3.29 17.79 28.69
CA VAL B 491 3.20 17.46 27.28
C VAL B 491 4.00 18.46 26.45
N PRO B 492 3.66 19.76 26.48
CA PRO B 492 4.44 20.72 25.68
C PRO B 492 5.91 20.75 26.05
N LYS B 493 6.25 20.46 27.30
CA LYS B 493 7.67 20.36 27.66
C LYS B 493 8.33 19.16 26.98
N THR B 494 7.61 18.04 26.90
CA THR B 494 8.16 16.86 26.24
C THR B 494 8.32 17.08 24.74
N ILE B 495 7.35 17.74 24.11
CA ILE B 495 7.40 17.96 22.68
C ILE B 495 8.56 18.90 22.32
N GLN B 496 8.67 20.02 23.03
CA GLN B 496 9.75 20.96 22.78
C GLN B 496 11.11 20.27 22.86
N MET B 497 11.31 19.44 23.89
CA MET B 497 12.56 18.71 24.02
C MET B 497 12.80 17.79 22.83
N VAL B 498 11.73 17.20 22.30
CA VAL B 498 11.87 16.36 21.12
C VAL B 498 12.03 17.20 19.85
N ARG B 499 11.38 18.36 19.79
CA ARG B 499 11.53 19.23 18.64
C ARG B 499 12.93 19.80 18.50
N SER B 500 13.69 19.87 19.60
CA SER B 500 15.08 20.32 19.54
C SER B 500 16.02 19.25 19.03
N GLN B 501 15.54 18.02 18.83
CA GLN B 501 16.35 16.94 18.29
C GLN B 501 16.00 16.58 16.85
N ARG B 502 14.80 16.93 16.40
CA ARG B 502 14.43 16.78 14.99
C ARG B 502 13.37 17.82 14.65
N SER B 503 13.44 18.34 13.43
CA SER B 503 12.62 19.49 13.05
C SER B 503 11.14 19.13 13.03
N GLY B 504 10.35 19.84 13.82
CA GLY B 504 8.90 19.80 13.71
C GLY B 504 8.23 18.52 14.14
N MET B 505 8.79 17.82 15.14
CA MET B 505 8.10 16.64 15.67
C MET B 505 6.74 17.04 16.22
N VAL B 506 5.71 16.29 15.82
CA VAL B 506 4.32 16.68 16.09
C VAL B 506 4.01 17.90 15.24
N GLN B 507 3.09 17.75 14.29
CA GLN B 507 2.89 18.75 13.25
C GLN B 507 1.66 19.62 13.47
N THR B 508 0.53 19.04 13.87
CA THR B 508 -0.74 19.76 13.90
C THR B 508 -1.34 19.75 15.30
N GLU B 509 -2.34 20.62 15.48
CA GLU B 509 -3.07 20.67 16.74
C GLU B 509 -3.91 19.41 16.95
N ALA B 510 -4.31 18.75 15.86
CA ALA B 510 -5.06 17.50 16.00
C ALA B 510 -4.20 16.41 16.61
N GLN B 511 -2.92 16.32 16.21
CA GLN B 511 -2.02 15.38 16.85
C GLN B 511 -1.72 15.78 18.29
N TYR B 512 -1.68 17.08 18.57
CA TYR B 512 -1.54 17.53 19.95
C TYR B 512 -2.68 17.01 20.81
N ARG B 513 -3.93 17.27 20.38
CA ARG B 513 -5.08 16.72 21.08
C ARG B 513 -4.98 15.20 21.20
N PHE B 514 -4.57 14.53 20.13
CA PHE B 514 -4.51 13.08 20.14
C PHE B 514 -3.50 12.56 21.15
N ILE B 515 -2.44 13.32 21.42
CA ILE B 515 -1.47 12.91 22.43
C ILE B 515 -2.11 12.92 23.81
N TYR B 516 -2.86 13.97 24.13
CA TYR B 516 -3.59 14.01 25.39
C TYR B 516 -4.60 12.88 25.48
N MET B 517 -5.43 12.73 24.43
CA MET B 517 -6.42 11.66 24.42
C MET B 517 -5.76 10.30 24.50
N ALA B 518 -4.54 10.15 23.96
CA ALA B 518 -3.83 8.89 24.09
C ALA B 518 -3.39 8.65 25.52
N VAL B 519 -2.91 9.70 26.20
CA VAL B 519 -2.49 9.55 27.59
C VAL B 519 -3.69 9.27 28.49
N GLN B 520 -4.80 9.97 28.26
CA GLN B 520 -5.99 9.74 29.07
C GLN B 520 -6.53 8.33 28.88
N HIS B 521 -6.41 7.78 27.68
CA HIS B 521 -6.95 6.45 27.41
C HIS B 521 -6.09 5.36 28.07
N TYR B 522 -4.77 5.52 28.05
CA TYR B 522 -3.91 4.52 28.65
C TYR B 522 -4.08 4.47 30.17
N ILE B 523 -4.37 5.61 30.80
CA ILE B 523 -4.53 5.64 32.24
C ILE B 523 -5.87 5.02 32.65
N GLU B 524 -6.87 5.10 31.78
CA GLU B 524 -8.17 4.49 32.07
C GLU B 524 -8.15 2.97 31.89
N THR B 525 -7.10 2.42 31.27
CA THR B 525 -6.98 0.98 31.07
C THR B 525 -6.01 0.33 32.05
N LEU B 526 -5.93 0.87 33.28
CA LEU B 526 -5.07 0.31 34.31
C LEU B 526 -5.89 -0.06 35.55
#